data_4F53
#
_entry.id   4F53
#
_cell.length_a   217.999
_cell.length_b   226.202
_cell.length_c   62.927
_cell.angle_alpha   90.000
_cell.angle_beta   90.000
_cell.angle_gamma   90.000
#
_symmetry.space_group_name_H-M   'C 2 2 21'
#
loop_
_entity.id
_entity.type
_entity.pdbx_description
1 polymer 'SusD homolog'
2 non-polymer 'ACETATE ION'
3 non-polymer 'CALCIUM ION'
4 non-polymer GLYCEROL
5 non-polymer 'CHLORIDE ION'
6 water water
#
_entity_poly.entity_id   1
_entity_poly.type   'polypeptide(L)'
_entity_poly.pdbx_seq_one_letter_code
;GCTGNFEDYNKNPHEPDQND(MSE)GVDWYLVRSLALNLQDL(MSE)(MSE)PEQENFSQYVDCL(MSE)AGAFSGYVAD
SNLGTGWSGRYATYNPSDDWKKIPFNDFYSKFYPDYFNLKNQSDDELFLSLAELYRIVV(MSE)LRVTDTYGPIPYSKVG
AANAIKSPYDSQQAVYAK(MSE)LEDLDNIITVLGKFGNQSFSSSADRIYNGNTSAWYKFANSLKLR(MSE)A(MSE)RT
CYVAGFNVNGKTSQQLAEEAVAAGV(MSE)TAATDGAYRKVADHNPWQRF(MSE)VLWSDARISADLTCY(MSE)NAYND
PRREAYYDKSTFGTVSGNAYTGEESYVGLRRGILQGQYNSWSQGSSC(MSE)KVTTSDNIVVFRASEVAFLRAEGALRNW
N(MSE)GGTAKDFYEEGIRLSFEENGITSGVENYLASTGKVEAYKDPLKGQSAQTYDYSGAINTNVTVAWSGGDFEKSLE
QIITQKWIANFPNG(MSE)ESWTEYRRTGYPKL(MSE)P(MSE)AANASGGIVNDAEGARR(MSE)PYPTDEYRENRESV
EAAVATLTQESKTKRGDT(MSE)ATHVWWDCK
;
_entity_poly.pdbx_strand_id   A,B
#
loop_
_chem_comp.id
_chem_comp.type
_chem_comp.name
_chem_comp.formula
ACT non-polymer 'ACETATE ION' 'C2 H3 O2 -1'
CA non-polymer 'CALCIUM ION' 'Ca 2'
CL non-polymer 'CHLORIDE ION' 'Cl -1'
GOL non-polymer GLYCEROL 'C3 H8 O3'
#
# COMPACT_ATOMS: atom_id res chain seq x y z
N VAL A 23 -25.38 12.24 -45.70
CA VAL A 23 -24.41 11.57 -44.83
C VAL A 23 -22.98 11.81 -45.34
N ASP A 24 -22.07 12.30 -44.45
CA ASP A 24 -20.67 12.57 -44.81
C ASP A 24 -19.85 11.32 -44.53
N TRP A 25 -19.72 10.46 -45.56
CA TRP A 25 -18.96 9.21 -45.55
CA TRP A 25 -18.99 9.21 -45.43
C TRP A 25 -17.50 9.47 -45.20
N TYR A 26 -16.95 10.59 -45.72
CA TYR A 26 -15.55 10.93 -45.48
C TYR A 26 -15.25 11.04 -43.97
N LEU A 27 -16.14 11.72 -43.21
CA LEU A 27 -15.99 11.91 -41.76
C LEU A 27 -16.23 10.60 -41.00
N VAL A 28 -17.28 9.82 -41.36
CA VAL A 28 -17.65 8.53 -40.74
C VAL A 28 -16.45 7.54 -40.83
N ARG A 29 -15.83 7.43 -42.03
CA ARG A 29 -14.66 6.61 -42.34
C ARG A 29 -13.49 7.03 -41.46
N SER A 30 -13.28 8.33 -41.32
CA SER A 30 -12.25 8.94 -40.51
C SER A 30 -12.41 8.57 -39.00
N LEU A 31 -13.66 8.68 -38.48
CA LEU A 31 -14.00 8.38 -37.08
C LEU A 31 -13.83 6.90 -36.79
N ALA A 32 -14.33 6.03 -37.69
CA ALA A 32 -14.23 4.56 -37.59
C ALA A 32 -12.76 4.12 -37.50
N LEU A 33 -11.90 4.77 -38.32
CA LEU A 33 -10.47 4.50 -38.37
C LEU A 33 -9.78 4.87 -37.05
N ASN A 34 -10.15 6.00 -36.41
CA ASN A 34 -9.53 6.42 -35.15
CA ASN A 34 -9.52 6.38 -35.12
C ASN A 34 -9.97 5.44 -34.01
N LEU A 35 -11.24 5.03 -34.02
CA LEU A 35 -11.78 4.10 -33.01
C LEU A 35 -11.09 2.76 -33.14
N GLN A 36 -10.87 2.30 -34.40
CA GLN A 36 -10.19 1.02 -34.66
C GLN A 36 -8.75 1.03 -34.12
N ASP A 37 -8.06 2.16 -34.31
CA ASP A 37 -6.67 2.31 -33.92
C ASP A 37 -6.45 2.13 -32.41
N LEU A 38 -7.39 2.60 -31.58
CA LEU A 38 -7.24 2.63 -30.12
C LEU A 38 -7.29 1.25 -29.45
N MSE A 39 -7.57 0.17 -30.21
CA MSE A 39 -7.52 -1.19 -29.64
C MSE A 39 -6.06 -1.57 -29.25
O MSE A 39 -5.84 -2.33 -28.31
CB MSE A 39 -8.06 -2.23 -30.63
CG MSE A 39 -9.53 -1.97 -31.00
SE MSE A 39 -10.34 -3.55 -31.82
CE MSE A 39 -9.57 -3.42 -33.49
N MSE A 40 -5.11 -1.05 -30.01
CA MSE A 40 -3.65 -1.27 -29.88
C MSE A 40 -3.01 -0.01 -30.46
O MSE A 40 -2.62 0.01 -31.63
CB MSE A 40 -3.28 -2.57 -30.63
CG MSE A 40 -1.93 -3.13 -30.22
SE MSE A 40 -1.92 -3.80 -28.38
CE MSE A 40 -3.24 -5.21 -28.64
N PRO A 41 -3.03 1.11 -29.69
CA PRO A 41 -2.69 2.43 -30.26
C PRO A 41 -1.32 2.56 -30.90
N GLU A 42 -1.31 3.23 -32.05
CA GLU A 42 -0.14 3.53 -32.86
C GLU A 42 0.62 4.76 -32.37
N GLN A 43 -0.10 5.82 -31.90
CA GLN A 43 0.50 7.06 -31.42
CA GLN A 43 0.51 7.06 -31.42
C GLN A 43 1.60 6.70 -30.42
N GLU A 44 2.86 6.98 -30.80
CA GLU A 44 4.07 6.62 -30.06
C GLU A 44 4.10 7.17 -28.64
N ASN A 45 3.59 8.38 -28.38
CA ASN A 45 3.60 8.97 -27.04
CA ASN A 45 3.60 8.95 -27.04
C ASN A 45 2.40 8.48 -26.20
N PHE A 46 1.56 7.59 -26.73
CA PHE A 46 0.46 7.03 -25.98
C PHE A 46 0.78 5.56 -25.76
N SER A 47 1.15 4.89 -26.87
CA SER A 47 1.60 3.49 -26.93
C SER A 47 2.73 3.23 -25.94
N GLN A 48 3.71 4.15 -25.86
CA GLN A 48 4.87 4.02 -24.97
C GLN A 48 4.44 3.81 -23.54
N TYR A 49 3.42 4.52 -23.07
CA TYR A 49 2.94 4.35 -21.72
C TYR A 49 2.13 3.08 -21.55
N VAL A 50 1.05 2.94 -22.31
CA VAL A 50 0.08 1.85 -22.10
C VAL A 50 0.57 0.50 -22.54
N ASP A 51 1.30 0.40 -23.66
CA ASP A 51 1.71 -0.89 -24.19
C ASP A 51 3.16 -1.25 -23.89
N CYS A 52 4.00 -0.27 -23.75
CA CYS A 52 5.39 -0.58 -23.54
C CYS A 52 5.77 -0.47 -22.06
N LEU A 53 5.69 0.73 -21.50
CA LEU A 53 6.12 0.99 -20.13
C LEU A 53 5.22 0.29 -19.11
N MSE A 54 3.91 0.25 -19.35
CA MSE A 54 3.02 -0.38 -18.39
C MSE A 54 2.86 -1.88 -18.68
O MSE A 54 3.42 -2.68 -17.94
CB MSE A 54 1.66 0.33 -18.33
CG MSE A 54 0.76 -0.25 -17.21
SE MSE A 54 -1.03 0.46 -17.24
CE MSE A 54 -1.74 -0.55 -18.82
N ALA A 55 2.07 -2.24 -19.72
CA ALA A 55 1.72 -3.61 -20.05
C ALA A 55 2.94 -4.48 -20.41
N GLY A 56 3.94 -3.90 -21.09
CA GLY A 56 5.16 -4.58 -21.48
C GLY A 56 5.96 -5.04 -20.28
N ALA A 57 6.03 -4.19 -19.24
CA ALA A 57 6.69 -4.51 -17.97
C ALA A 57 5.93 -5.61 -17.19
N PHE A 58 4.62 -5.38 -16.97
CA PHE A 58 3.76 -6.24 -16.16
C PHE A 58 3.52 -7.61 -16.82
N SER A 59 3.54 -7.68 -18.16
CA SER A 59 3.36 -8.95 -18.90
C SER A 59 4.59 -9.88 -18.85
N GLY A 60 5.75 -9.32 -18.53
CA GLY A 60 7.01 -10.04 -18.55
C GLY A 60 7.72 -9.99 -19.87
N TYR A 61 7.24 -9.17 -20.83
CA TYR A 61 7.84 -9.11 -22.19
C TYR A 61 8.96 -8.07 -22.33
N VAL A 62 8.82 -6.89 -21.67
CA VAL A 62 9.73 -5.77 -21.92
C VAL A 62 10.49 -5.36 -20.69
N ALA A 63 11.78 -5.01 -20.89
CA ALA A 63 12.59 -4.46 -19.83
C ALA A 63 12.99 -3.07 -20.23
N ASP A 64 12.55 -2.06 -19.48
CA ASP A 64 12.94 -0.66 -19.68
C ASP A 64 14.48 -0.58 -19.60
N SER A 65 15.09 0.19 -20.51
CA SER A 65 16.55 0.33 -20.65
C SER A 65 16.97 1.81 -20.83
N ASN A 66 16.22 2.73 -20.21
CA ASN A 66 16.55 4.14 -20.26
C ASN A 66 17.61 4.42 -19.17
N LEU A 67 18.78 4.90 -19.59
CA LEU A 67 19.93 5.13 -18.70
C LEU A 67 19.95 6.56 -18.13
N GLY A 68 18.93 7.36 -18.43
CA GLY A 68 18.82 8.73 -17.95
C GLY A 68 18.36 8.89 -16.51
N THR A 69 18.29 10.15 -16.07
CA THR A 69 17.84 10.56 -14.73
C THR A 69 16.52 11.35 -14.78
N GLY A 70 15.98 11.54 -15.99
CA GLY A 70 14.74 12.27 -16.23
C GLY A 70 13.47 11.64 -15.70
N TRP A 71 13.42 10.30 -15.60
CA TRP A 71 12.25 9.62 -15.05
C TRP A 71 12.43 9.47 -13.54
N SER A 72 11.45 9.96 -12.75
CA SER A 72 11.48 9.89 -11.28
C SER A 72 11.21 8.44 -10.82
N GLY A 73 10.39 7.73 -11.60
CA GLY A 73 10.02 6.35 -11.36
C GLY A 73 9.32 5.78 -12.56
N ARG A 74 8.97 4.49 -12.50
CA ARG A 74 8.30 3.81 -13.62
C ARG A 74 7.20 2.88 -13.12
N TYR A 75 6.33 2.41 -14.02
CA TYR A 75 5.31 1.42 -13.68
C TYR A 75 6.00 0.13 -13.18
N ALA A 76 7.07 -0.31 -13.88
CA ALA A 76 7.82 -1.53 -13.61
C ALA A 76 8.32 -1.60 -12.17
N THR A 77 8.79 -0.48 -11.60
CA THR A 77 9.31 -0.46 -10.23
C THR A 77 8.22 0.01 -9.23
N TYR A 78 6.97 0.13 -9.69
CA TYR A 78 5.77 0.43 -8.89
C TYR A 78 5.77 1.83 -8.28
N ASN A 79 6.51 2.76 -8.87
CA ASN A 79 6.54 4.15 -8.41
C ASN A 79 6.37 5.12 -9.61
N PRO A 80 5.36 4.97 -10.51
CA PRO A 80 5.22 5.94 -11.62
C PRO A 80 4.81 7.31 -11.09
N SER A 81 5.09 8.37 -11.82
CA SER A 81 4.72 9.73 -11.40
C SER A 81 3.19 9.90 -11.53
N ASP A 82 2.63 10.96 -10.95
CA ASP A 82 1.21 11.27 -11.07
C ASP A 82 0.81 11.41 -12.56
N ASP A 83 1.68 12.00 -13.41
CA ASP A 83 1.45 12.15 -14.85
C ASP A 83 1.36 10.81 -15.57
N TRP A 84 2.23 9.84 -15.21
CA TRP A 84 2.20 8.50 -15.79
C TRP A 84 0.96 7.73 -15.36
N LYS A 85 0.47 7.98 -14.13
CA LYS A 85 -0.71 7.30 -13.60
C LYS A 85 -2.01 7.81 -14.25
N LYS A 86 -1.97 8.99 -14.88
CA LYS A 86 -3.15 9.57 -15.53
C LYS A 86 -3.39 8.98 -16.94
N ILE A 87 -2.33 8.75 -17.70
CA ILE A 87 -2.36 8.33 -19.09
C ILE A 87 -3.16 7.02 -19.35
N PRO A 88 -2.99 5.85 -18.62
CA PRO A 88 -3.76 4.66 -18.98
C PRO A 88 -5.25 4.70 -18.65
N PHE A 89 -5.72 5.81 -18.03
CA PHE A 89 -7.13 5.97 -17.69
C PHE A 89 -7.75 7.06 -18.55
N ASN A 90 -7.41 8.33 -18.26
CA ASN A 90 -7.92 9.54 -18.89
C ASN A 90 -7.71 9.61 -20.39
N ASP A 91 -6.51 9.22 -20.89
CA ASP A 91 -6.21 9.33 -22.32
C ASP A 91 -7.05 8.37 -23.17
N PHE A 92 -7.47 7.21 -22.65
CA PHE A 92 -8.37 6.36 -23.42
C PHE A 92 -9.75 7.01 -23.61
N TYR A 93 -10.26 7.68 -22.56
CA TYR A 93 -11.57 8.36 -22.61
C TYR A 93 -11.52 9.59 -23.54
N SER A 94 -10.45 10.42 -23.46
CA SER A 94 -10.23 11.63 -24.28
C SER A 94 -10.10 11.30 -25.76
N LYS A 95 -9.41 10.19 -26.05
CA LYS A 95 -9.13 9.80 -27.42
C LYS A 95 -10.27 8.99 -28.04
N PHE A 96 -11.01 8.20 -27.25
CA PHE A 96 -12.06 7.35 -27.80
C PHE A 96 -13.45 8.01 -27.91
N TYR A 97 -13.98 8.50 -26.78
CA TYR A 97 -15.37 8.94 -26.68
C TYR A 97 -15.81 10.14 -27.54
N PRO A 98 -15.05 11.25 -27.73
CA PRO A 98 -15.57 12.31 -28.61
C PRO A 98 -15.88 11.78 -30.03
N ASP A 99 -15.00 10.93 -30.62
CA ASP A 99 -15.22 10.35 -31.95
C ASP A 99 -16.36 9.34 -31.96
N TYR A 100 -16.46 8.53 -30.88
CA TYR A 100 -17.51 7.53 -30.74
C TYR A 100 -18.90 8.21 -30.73
N PHE A 101 -19.07 9.25 -29.90
CA PHE A 101 -20.35 9.96 -29.84
C PHE A 101 -20.64 10.68 -31.16
N ASN A 102 -19.61 11.20 -31.83
CA ASN A 102 -19.75 11.89 -33.10
C ASN A 102 -20.22 10.93 -34.19
N LEU A 103 -19.58 9.73 -34.31
CA LEU A 103 -19.94 8.68 -35.29
CA LEU A 103 -19.93 8.70 -35.29
C LEU A 103 -21.41 8.27 -35.14
N LYS A 104 -21.91 8.14 -33.88
CA LYS A 104 -23.29 7.78 -33.60
C LYS A 104 -24.26 8.88 -34.07
N ASN A 105 -23.81 10.16 -34.09
CA ASN A 105 -24.61 11.31 -34.58
C ASN A 105 -24.48 11.47 -36.11
N GLN A 106 -23.41 10.93 -36.70
CA GLN A 106 -23.12 11.02 -38.14
C GLN A 106 -23.68 9.85 -38.96
N SER A 107 -23.88 8.67 -38.35
CA SER A 107 -24.33 7.50 -39.09
C SER A 107 -25.47 6.73 -38.41
N ASP A 108 -26.34 6.14 -39.24
CA ASP A 108 -27.47 5.31 -38.86
C ASP A 108 -27.25 3.88 -39.37
N ASP A 109 -26.11 3.65 -40.09
CA ASP A 109 -25.70 2.36 -40.65
C ASP A 109 -25.36 1.37 -39.54
N GLU A 110 -26.18 0.33 -39.44
CA GLU A 110 -26.12 -0.76 -38.47
C GLU A 110 -24.73 -1.43 -38.43
N LEU A 111 -24.07 -1.59 -39.58
CA LEU A 111 -22.77 -2.22 -39.64
C LEU A 111 -21.68 -1.34 -39.00
N PHE A 112 -21.70 -0.02 -39.29
CA PHE A 112 -20.71 0.93 -38.78
C PHE A 112 -20.91 1.19 -37.29
N LEU A 113 -22.15 1.16 -36.82
CA LEU A 113 -22.47 1.36 -35.40
C LEU A 113 -22.09 0.12 -34.60
N SER A 114 -22.21 -1.08 -35.22
CA SER A 114 -21.82 -2.35 -34.60
C SER A 114 -20.31 -2.45 -34.48
N LEU A 115 -19.58 -2.01 -35.51
CA LEU A 115 -18.12 -1.99 -35.49
C LEU A 115 -17.61 -0.97 -34.46
N ALA A 116 -18.24 0.22 -34.39
CA ALA A 116 -17.89 1.26 -33.41
C ALA A 116 -18.04 0.71 -31.98
N GLU A 117 -19.14 -0.04 -31.71
CA GLU A 117 -19.39 -0.69 -30.43
C GLU A 117 -18.38 -1.80 -30.15
N LEU A 118 -17.98 -2.58 -31.19
CA LEU A 118 -16.99 -3.64 -31.05
C LEU A 118 -15.64 -3.04 -30.60
N TYR A 119 -15.23 -1.88 -31.20
CA TYR A 119 -13.98 -1.19 -30.86
C TYR A 119 -14.06 -0.69 -29.44
N ARG A 120 -15.21 -0.12 -29.04
CA ARG A 120 -15.49 0.34 -27.67
C ARG A 120 -15.30 -0.78 -26.65
N ILE A 121 -15.87 -1.99 -26.93
CA ILE A 121 -15.72 -3.16 -26.06
C ILE A 121 -14.22 -3.52 -25.90
N VAL A 122 -13.46 -3.67 -26.99
CA VAL A 122 -12.02 -4.03 -26.96
C VAL A 122 -11.20 -2.97 -26.20
N VAL A 123 -11.45 -1.67 -26.46
CA VAL A 123 -10.71 -0.56 -25.84
C VAL A 123 -11.02 -0.49 -24.35
N MSE A 124 -12.29 -0.50 -24.01
CA MSE A 124 -12.71 -0.38 -22.62
C MSE A 124 -12.48 -1.70 -21.86
O MSE A 124 -12.37 -1.67 -20.63
CB MSE A 124 -14.15 0.15 -22.51
CG MSE A 124 -14.26 1.56 -23.07
SE MSE A 124 -13.06 2.83 -22.14
CE MSE A 124 -12.64 4.11 -23.62
N LEU A 125 -12.30 -2.83 -22.57
CA LEU A 125 -11.88 -4.10 -21.98
C LEU A 125 -10.47 -3.93 -21.40
N ARG A 126 -9.54 -3.25 -22.12
CA ARG A 126 -8.18 -2.95 -21.62
C ARG A 126 -8.26 -2.12 -20.33
N VAL A 127 -9.12 -1.08 -20.34
CA VAL A 127 -9.31 -0.13 -19.23
C VAL A 127 -9.91 -0.84 -18.00
N THR A 128 -11.00 -1.63 -18.14
CA THR A 128 -11.54 -2.32 -16.97
C THR A 128 -10.54 -3.39 -16.49
N ASP A 129 -9.81 -4.03 -17.39
CA ASP A 129 -8.78 -5.01 -17.00
C ASP A 129 -7.58 -4.33 -16.31
N THR A 130 -7.43 -2.99 -16.45
CA THR A 130 -6.36 -2.24 -15.77
C THR A 130 -6.84 -1.77 -14.38
N TYR A 131 -8.10 -1.31 -14.27
CA TYR A 131 -8.62 -0.63 -13.08
C TYR A 131 -9.68 -1.32 -12.25
N GLY A 132 -10.52 -2.15 -12.87
CA GLY A 132 -11.65 -2.78 -12.21
C GLY A 132 -12.88 -1.98 -12.54
N PRO A 133 -13.64 -1.43 -11.55
CA PRO A 133 -14.79 -0.57 -11.88
C PRO A 133 -14.36 0.65 -12.71
N ILE A 134 -15.15 1.00 -13.74
CA ILE A 134 -14.83 2.15 -14.63
C ILE A 134 -16.14 2.85 -15.08
N PRO A 135 -16.11 4.13 -15.51
CA PRO A 135 -17.30 4.71 -16.15
C PRO A 135 -17.52 4.00 -17.50
N TYR A 136 -18.71 3.40 -17.69
CA TYR A 136 -19.01 2.66 -18.92
C TYR A 136 -20.46 2.93 -19.40
N SER A 137 -21.46 2.29 -18.79
CA SER A 137 -22.86 2.47 -19.20
C SER A 137 -23.40 3.89 -18.95
N LYS A 138 -22.79 4.66 -18.03
CA LYS A 138 -23.32 6.00 -17.74
C LYS A 138 -22.43 7.16 -18.26
N VAL A 139 -21.57 6.91 -19.26
CA VAL A 139 -20.68 7.95 -19.80
C VAL A 139 -21.51 9.05 -20.52
N GLY A 140 -21.24 10.29 -20.14
CA GLY A 140 -21.86 11.47 -20.71
C GLY A 140 -21.15 11.90 -21.97
N ALA A 141 -21.87 12.55 -22.90
CA ALA A 141 -21.28 13.04 -24.15
C ALA A 141 -20.38 14.25 -23.91
N ALA A 142 -20.60 14.98 -22.79
CA ALA A 142 -19.85 16.18 -22.42
C ALA A 142 -18.42 15.86 -21.94
N ASN A 143 -18.29 15.05 -20.85
CA ASN A 143 -17.00 14.62 -20.27
C ASN A 143 -17.16 13.19 -19.79
N ALA A 144 -16.96 12.23 -20.73
CA ALA A 144 -17.14 10.79 -20.57
C ALA A 144 -16.65 10.22 -19.23
N ILE A 145 -15.40 10.51 -18.81
CA ILE A 145 -14.77 10.00 -17.58
C ILE A 145 -15.41 10.58 -16.28
N LYS A 146 -16.05 11.78 -16.38
CA LYS A 146 -16.69 12.47 -15.27
C LYS A 146 -18.13 11.96 -15.17
N SER A 147 -18.24 10.68 -14.76
CA SER A 147 -19.49 9.95 -14.68
C SER A 147 -19.45 8.87 -13.57
N PRO A 148 -20.63 8.32 -13.13
CA PRO A 148 -20.60 7.18 -12.19
C PRO A 148 -19.90 5.94 -12.80
N TYR A 149 -19.23 5.14 -11.95
CA TYR A 149 -18.49 3.95 -12.36
C TYR A 149 -19.34 2.69 -12.23
N ASP A 150 -19.28 1.81 -13.23
CA ASP A 150 -19.94 0.52 -13.19
C ASP A 150 -19.01 -0.45 -12.52
N SER A 151 -19.55 -1.47 -11.87
CA SER A 151 -18.74 -2.54 -11.32
C SER A 151 -18.08 -3.28 -12.51
N GLN A 152 -16.93 -3.96 -12.30
CA GLN A 152 -16.33 -4.69 -13.40
C GLN A 152 -17.33 -5.76 -13.92
N GLN A 153 -18.08 -6.41 -13.01
CA GLN A 153 -19.09 -7.40 -13.38
C GLN A 153 -20.16 -6.80 -14.32
N ALA A 154 -20.67 -5.59 -13.98
CA ALA A 154 -21.64 -4.89 -14.82
C ALA A 154 -21.04 -4.50 -16.16
N VAL A 155 -19.74 -4.14 -16.21
CA VAL A 155 -19.02 -3.80 -17.45
C VAL A 155 -18.95 -5.05 -18.35
N TYR A 156 -18.49 -6.19 -17.80
CA TYR A 156 -18.39 -7.45 -18.54
C TYR A 156 -19.77 -7.93 -19.02
N ALA A 157 -20.81 -7.84 -18.17
CA ALA A 157 -22.17 -8.27 -18.53
C ALA A 157 -22.73 -7.42 -19.67
N LYS A 158 -22.57 -6.09 -19.61
CA LYS A 158 -23.05 -5.21 -20.68
C LYS A 158 -22.27 -5.49 -22.00
N MSE A 159 -20.93 -5.58 -21.92
CA MSE A 159 -20.08 -5.87 -23.07
C MSE A 159 -20.46 -7.17 -23.74
O MSE A 159 -20.58 -7.22 -24.96
CB MSE A 159 -18.60 -5.96 -22.66
CG MSE A 159 -17.95 -4.60 -22.37
SE MSE A 159 -16.11 -4.89 -21.76
CE MSE A 159 -15.62 -3.03 -21.85
N LEU A 160 -20.66 -8.25 -22.95
CA LEU A 160 -20.96 -9.58 -23.48
C LEU A 160 -22.34 -9.60 -24.14
N GLU A 161 -23.31 -8.88 -23.56
CA GLU A 161 -24.67 -8.76 -24.10
C GLU A 161 -24.65 -7.96 -25.41
N ASP A 162 -23.92 -6.84 -25.45
CA ASP A 162 -23.79 -6.03 -26.66
C ASP A 162 -23.02 -6.78 -27.74
N LEU A 163 -21.98 -7.57 -27.35
CA LEU A 163 -21.19 -8.37 -28.27
C LEU A 163 -22.08 -9.42 -28.98
N ASP A 164 -23.04 -10.05 -28.25
CA ASP A 164 -24.01 -11.00 -28.85
C ASP A 164 -24.82 -10.33 -29.97
N ASN A 165 -25.21 -9.05 -29.78
CA ASN A 165 -25.97 -8.31 -30.79
C ASN A 165 -25.07 -7.93 -31.97
N ILE A 166 -23.79 -7.59 -31.72
CA ILE A 166 -22.79 -7.25 -32.75
C ILE A 166 -22.55 -8.50 -33.61
N ILE A 167 -22.40 -9.66 -32.97
CA ILE A 167 -22.17 -10.95 -33.66
C ILE A 167 -23.36 -11.23 -34.63
N THR A 168 -24.63 -11.01 -34.17
CA THR A 168 -25.86 -11.18 -34.95
C THR A 168 -25.83 -10.24 -36.17
N VAL A 169 -25.48 -8.96 -35.98
CA VAL A 169 -25.38 -7.97 -37.06
C VAL A 169 -24.29 -8.39 -38.08
N LEU A 170 -23.11 -8.76 -37.62
CA LEU A 170 -22.02 -9.14 -38.52
C LEU A 170 -22.32 -10.43 -39.31
N GLY A 171 -23.06 -11.36 -38.69
CA GLY A 171 -23.53 -12.61 -39.28
C GLY A 171 -24.47 -12.41 -40.45
N LYS A 172 -25.47 -11.49 -40.30
CA LYS A 172 -26.45 -11.24 -41.35
CA LYS A 172 -26.46 -11.12 -41.31
C LYS A 172 -25.82 -10.55 -42.56
N PHE A 173 -24.72 -9.77 -42.39
CA PHE A 173 -24.02 -9.16 -43.53
C PHE A 173 -23.22 -10.22 -44.28
N GLY A 174 -22.97 -11.36 -43.62
CA GLY A 174 -22.30 -12.53 -44.18
C GLY A 174 -21.07 -12.27 -45.02
N ASN A 175 -21.20 -12.50 -46.34
CA ASN A 175 -20.08 -12.35 -47.25
C ASN A 175 -20.04 -10.97 -47.94
N GLN A 176 -20.90 -10.04 -47.49
CA GLN A 176 -20.89 -8.66 -47.97
C GLN A 176 -19.67 -7.95 -47.35
N SER A 177 -19.13 -6.98 -48.09
CA SER A 177 -17.97 -6.21 -47.67
CA SER A 177 -17.97 -6.21 -47.66
C SER A 177 -18.31 -4.73 -47.56
N PHE A 178 -17.63 -4.01 -46.67
CA PHE A 178 -17.79 -2.56 -46.52
C PHE A 178 -16.51 -1.92 -47.06
N SER A 179 -16.45 -0.58 -47.12
CA SER A 179 -15.33 0.16 -47.70
C SER A 179 -14.02 -0.15 -47.00
N SER A 180 -13.05 -0.64 -47.78
CA SER A 180 -11.72 -1.04 -47.31
C SER A 180 -10.92 0.13 -46.71
N SER A 181 -11.23 1.38 -47.12
CA SER A 181 -10.55 2.56 -46.60
C SER A 181 -10.91 2.85 -45.13
N ALA A 182 -12.05 2.30 -44.61
CA ALA A 182 -12.49 2.48 -43.21
C ALA A 182 -11.93 1.36 -42.30
N ASP A 183 -11.17 0.39 -42.87
CA ASP A 183 -10.69 -0.75 -42.10
C ASP A 183 -9.26 -1.12 -42.49
N ARG A 184 -8.32 -0.84 -41.61
CA ARG A 184 -6.90 -1.15 -41.85
C ARG A 184 -6.51 -2.48 -41.21
N ILE A 185 -7.50 -3.29 -40.82
CA ILE A 185 -7.25 -4.60 -40.24
C ILE A 185 -7.71 -5.70 -41.21
N TYR A 186 -8.98 -5.68 -41.65
CA TYR A 186 -9.53 -6.73 -42.50
C TYR A 186 -10.00 -6.21 -43.86
N ASN A 187 -9.76 -4.91 -44.13
CA ASN A 187 -10.07 -4.24 -45.40
C ASN A 187 -11.54 -4.38 -45.81
N GLY A 188 -12.45 -4.21 -44.86
CA GLY A 188 -13.88 -4.27 -45.11
C GLY A 188 -14.48 -5.65 -45.20
N ASN A 189 -13.69 -6.72 -44.88
CA ASN A 189 -14.20 -8.09 -44.91
C ASN A 189 -15.01 -8.37 -43.61
N THR A 190 -16.35 -8.23 -43.68
CA THR A 190 -17.28 -8.40 -42.56
C THR A 190 -17.18 -9.80 -41.90
N SER A 191 -16.98 -10.86 -42.70
CA SER A 191 -16.89 -12.24 -42.20
C SER A 191 -15.63 -12.43 -41.31
N ALA A 192 -14.56 -11.68 -41.60
CA ALA A 192 -13.34 -11.68 -40.77
C ALA A 192 -13.62 -11.02 -39.40
N TRP A 193 -14.50 -10.00 -39.36
CA TRP A 193 -14.94 -9.29 -38.16
C TRP A 193 -15.86 -10.15 -37.32
N TYR A 194 -16.66 -11.01 -37.98
CA TYR A 194 -17.55 -12.01 -37.37
C TYR A 194 -16.71 -12.97 -36.55
N LYS A 195 -15.60 -13.48 -37.12
CA LYS A 195 -14.67 -14.40 -36.45
C LYS A 195 -13.98 -13.71 -35.29
N PHE A 196 -13.59 -12.43 -35.47
CA PHE A 196 -12.93 -11.61 -34.44
C PHE A 196 -13.87 -11.45 -33.23
N ALA A 197 -15.16 -11.07 -33.48
CA ALA A 197 -16.18 -10.84 -32.46
C ALA A 197 -16.44 -12.13 -31.65
N ASN A 198 -16.57 -13.30 -32.30
CA ASN A 198 -16.74 -14.57 -31.56
C ASN A 198 -15.47 -14.94 -30.78
N SER A 199 -14.29 -14.60 -31.32
CA SER A 199 -12.99 -14.85 -30.67
C SER A 199 -12.87 -13.98 -29.42
N LEU A 200 -13.41 -12.73 -29.46
CA LEU A 200 -13.42 -11.82 -28.32
C LEU A 200 -14.38 -12.39 -27.23
N LYS A 201 -15.52 -12.91 -27.67
CA LYS A 201 -16.52 -13.51 -26.80
C LYS A 201 -15.88 -14.67 -26.02
N LEU A 202 -15.09 -15.52 -26.67
CA LEU A 202 -14.38 -16.64 -26.03
C LEU A 202 -13.31 -16.12 -25.06
N ARG A 203 -12.60 -15.05 -25.42
CA ARG A 203 -11.58 -14.45 -24.55
C ARG A 203 -12.24 -13.93 -23.25
N MSE A 204 -13.38 -13.27 -23.37
CA MSE A 204 -14.09 -12.74 -22.21
C MSE A 204 -14.80 -13.83 -21.39
O MSE A 204 -14.84 -13.71 -20.19
CB MSE A 204 -15.08 -11.68 -22.66
CG MSE A 204 -14.37 -10.47 -23.24
SE MSE A 204 -15.65 -9.08 -23.64
CE MSE A 204 -16.29 -8.74 -21.89
N ALA A 205 -15.29 -14.90 -22.04
CA ALA A 205 -15.89 -16.02 -21.32
C ALA A 205 -14.82 -16.72 -20.50
N MSE A 206 -13.65 -17.01 -21.12
CA MSE A 206 -12.53 -17.66 -20.42
C MSE A 206 -12.03 -16.79 -19.22
O MSE A 206 -11.72 -17.32 -18.15
CB MSE A 206 -11.37 -17.94 -21.38
CG MSE A 206 -10.43 -19.01 -20.85
SE MSE A 206 -11.37 -20.73 -20.65
CE MSE A 206 -11.97 -20.97 -22.55
N ARG A 207 -12.00 -15.47 -19.40
CA ARG A 207 -11.61 -14.51 -18.36
C ARG A 207 -12.45 -14.63 -17.05
N THR A 208 -13.76 -14.88 -17.21
CA THR A 208 -14.68 -14.93 -16.09
C THR A 208 -14.84 -16.33 -15.49
N CYS A 209 -13.97 -17.29 -15.89
CA CYS A 209 -14.08 -18.71 -15.51
C CYS A 209 -13.91 -18.96 -13.99
N TYR A 210 -13.27 -18.06 -13.23
CA TYR A 210 -13.08 -18.30 -11.79
C TYR A 210 -14.18 -17.68 -10.94
N VAL A 211 -15.01 -16.82 -11.52
CA VAL A 211 -16.12 -16.16 -10.83
C VAL A 211 -17.29 -17.14 -10.62
N ALA A 212 -17.52 -17.53 -9.36
CA ALA A 212 -18.61 -18.46 -9.00
C ALA A 212 -20.00 -17.88 -9.36
N GLY A 213 -20.77 -18.66 -10.10
CA GLY A 213 -22.14 -18.32 -10.50
C GLY A 213 -22.29 -17.23 -11.54
N PHE A 214 -21.18 -16.80 -12.19
CA PHE A 214 -21.28 -15.76 -13.19
C PHE A 214 -22.12 -16.22 -14.40
N ASN A 215 -23.03 -15.37 -14.82
CA ASN A 215 -23.84 -15.59 -16.00
C ASN A 215 -24.30 -14.24 -16.57
N VAL A 216 -24.58 -14.21 -17.88
CA VAL A 216 -25.10 -13.07 -18.62
C VAL A 216 -26.42 -13.56 -19.21
N ASN A 217 -27.55 -13.10 -18.64
CA ASN A 217 -28.91 -13.50 -19.05
C ASN A 217 -29.04 -15.04 -19.03
N GLY A 218 -28.52 -15.67 -17.97
CA GLY A 218 -28.58 -17.12 -17.79
C GLY A 218 -27.46 -17.89 -18.44
N LYS A 219 -26.64 -17.24 -19.30
CA LYS A 219 -25.50 -17.89 -19.99
C LYS A 219 -24.26 -17.85 -19.13
N THR A 220 -23.74 -19.00 -18.75
CA THR A 220 -22.52 -19.13 -17.93
C THR A 220 -21.27 -18.91 -18.79
N SER A 221 -20.10 -18.80 -18.13
CA SER A 221 -18.82 -18.67 -18.83
C SER A 221 -18.66 -19.84 -19.85
N GLN A 222 -18.93 -21.08 -19.41
CA GLN A 222 -18.88 -22.27 -20.27
C GLN A 222 -19.77 -22.10 -21.52
N GLN A 223 -21.02 -21.68 -21.32
CA GLN A 223 -22.02 -21.51 -22.38
CA GLN A 223 -22.02 -21.50 -22.38
C GLN A 223 -21.59 -20.45 -23.40
N LEU A 224 -21.09 -19.30 -22.92
CA LEU A 224 -20.66 -18.20 -23.79
C LEU A 224 -19.49 -18.67 -24.67
N ALA A 225 -18.55 -19.41 -24.08
CA ALA A 225 -17.38 -19.96 -24.74
C ALA A 225 -17.79 -20.98 -25.82
N GLU A 226 -18.69 -21.93 -25.46
CA GLU A 226 -19.22 -22.96 -26.36
C GLU A 226 -19.98 -22.35 -27.53
N GLU A 227 -20.78 -21.29 -27.28
CA GLU A 227 -21.54 -20.58 -28.33
C GLU A 227 -20.61 -19.91 -29.33
N ALA A 228 -19.57 -19.24 -28.83
CA ALA A 228 -18.57 -18.52 -29.65
C ALA A 228 -17.86 -19.49 -30.62
N VAL A 229 -17.45 -20.66 -30.14
CA VAL A 229 -16.75 -21.67 -30.91
C VAL A 229 -17.71 -22.28 -31.93
N ALA A 230 -18.99 -22.52 -31.54
CA ALA A 230 -20.00 -23.09 -32.44
C ALA A 230 -20.36 -22.09 -33.55
N ALA A 231 -20.35 -20.79 -33.25
CA ALA A 231 -20.69 -19.75 -34.24
C ALA A 231 -19.54 -19.53 -35.25
N GLY A 232 -18.29 -19.57 -34.79
CA GLY A 232 -17.14 -19.37 -35.67
C GLY A 232 -16.11 -18.37 -35.18
N VAL A 233 -14.98 -18.90 -34.67
CA VAL A 233 -13.86 -18.10 -34.18
C VAL A 233 -12.73 -18.11 -35.26
N MSE A 234 -11.61 -17.43 -34.99
CA MSE A 234 -10.42 -17.46 -35.85
C MSE A 234 -9.84 -18.88 -35.83
O MSE A 234 -9.65 -19.41 -34.74
CB MSE A 234 -9.36 -16.48 -35.34
CG MSE A 234 -9.73 -15.03 -35.43
SE MSE A 234 -8.35 -14.06 -34.44
CE MSE A 234 -9.13 -12.34 -34.54
N THR A 235 -9.56 -19.48 -37.01
CA THR A 235 -8.99 -20.85 -37.04
C THR A 235 -7.70 -20.91 -37.89
N ALA A 236 -7.46 -19.90 -38.72
CA ALA A 236 -6.28 -19.87 -39.58
C ALA A 236 -5.42 -18.68 -39.20
N ALA A 237 -4.09 -18.76 -39.39
CA ALA A 237 -3.17 -17.64 -39.09
C ALA A 237 -3.64 -16.32 -39.77
N THR A 238 -4.20 -16.41 -40.98
CA THR A 238 -4.67 -15.24 -41.74
C THR A 238 -6.00 -14.67 -41.21
N ASP A 239 -6.64 -15.33 -40.23
CA ASP A 239 -7.84 -14.81 -39.58
C ASP A 239 -7.47 -13.78 -38.50
N GLY A 240 -6.19 -13.79 -38.07
CA GLY A 240 -5.66 -12.89 -37.06
C GLY A 240 -5.84 -11.43 -37.40
N ALA A 241 -5.98 -10.57 -36.38
CA ALA A 241 -6.16 -9.12 -36.58
C ALA A 241 -4.82 -8.39 -36.42
N TYR A 242 -4.36 -7.80 -37.54
CA TYR A 242 -3.09 -7.06 -37.67
C TYR A 242 -3.39 -5.75 -38.36
N ARG A 243 -3.10 -4.63 -37.73
CA ARG A 243 -3.41 -3.33 -38.33
C ARG A 243 -2.26 -2.78 -39.13
N LYS A 244 -2.54 -2.36 -40.38
CA LYS A 244 -1.56 -1.72 -41.25
C LYS A 244 -1.41 -0.32 -40.70
N VAL A 245 -0.17 0.02 -40.27
CA VAL A 245 0.12 1.30 -39.62
C VAL A 245 -0.21 2.47 -40.55
N ALA A 246 -0.69 3.57 -39.97
CA ALA A 246 -1.01 4.78 -40.74
C ALA A 246 0.27 5.54 -41.03
N ASP A 247 1.22 5.56 -40.07
CA ASP A 247 2.49 6.23 -40.24
C ASP A 247 3.68 5.30 -39.89
N HIS A 248 3.82 4.87 -38.64
CA HIS A 248 4.90 3.96 -38.26
C HIS A 248 4.55 3.11 -37.05
N ASN A 249 5.19 1.94 -36.95
CA ASN A 249 5.06 1.06 -35.79
C ASN A 249 5.83 1.71 -34.62
N PRO A 250 5.15 1.99 -33.49
CA PRO A 250 5.82 2.70 -32.37
C PRO A 250 6.95 1.90 -31.71
N TRP A 251 6.93 0.56 -31.79
CA TRP A 251 7.97 -0.31 -31.21
C TRP A 251 9.34 -0.05 -31.83
N GLN A 252 9.38 0.41 -33.10
CA GLN A 252 10.63 0.77 -33.77
C GLN A 252 11.28 1.95 -33.04
N ARG A 253 10.48 2.85 -32.49
CA ARG A 253 10.95 3.97 -31.69
C ARG A 253 11.46 3.48 -30.33
N PHE A 254 10.61 2.75 -29.60
CA PHE A 254 10.93 2.29 -28.23
C PHE A 254 12.15 1.44 -28.18
N MSE A 255 12.25 0.49 -29.12
CA MSE A 255 13.35 -0.46 -29.14
C MSE A 255 14.57 0.03 -29.94
O MSE A 255 15.67 0.15 -29.40
CB MSE A 255 12.84 -1.80 -29.70
CG MSE A 255 11.73 -2.46 -28.84
SE MSE A 255 12.55 -3.60 -27.47
CE MSE A 255 11.00 -4.44 -26.71
N VAL A 256 14.39 0.26 -31.24
CA VAL A 256 15.51 0.52 -32.13
C VAL A 256 16.01 1.97 -32.07
N LEU A 257 15.16 2.96 -32.37
CA LEU A 257 15.60 4.35 -32.40
C LEU A 257 15.98 4.92 -31.03
N TRP A 258 15.09 4.86 -30.03
CA TRP A 258 15.36 5.49 -28.73
C TRP A 258 16.10 4.58 -27.76
N SER A 259 15.98 3.25 -27.91
CA SER A 259 16.60 2.26 -27.01
C SER A 259 16.11 2.46 -25.55
N ASP A 260 14.84 2.87 -25.39
CA ASP A 260 14.17 3.04 -24.10
C ASP A 260 13.72 1.69 -23.57
N ALA A 261 13.61 0.69 -24.48
CA ALA A 261 13.15 -0.66 -24.17
C ALA A 261 14.06 -1.74 -24.75
N ARG A 262 14.13 -2.87 -24.04
CA ARG A 262 14.86 -4.06 -24.49
C ARG A 262 13.98 -5.28 -24.21
N ILE A 263 14.33 -6.43 -24.79
CA ILE A 263 13.59 -7.68 -24.52
C ILE A 263 13.86 -8.07 -23.05
N SER A 264 12.86 -8.60 -22.36
CA SER A 264 13.00 -9.04 -20.97
C SER A 264 13.86 -10.29 -20.87
N ALA A 265 14.48 -10.45 -19.71
CA ALA A 265 15.30 -11.60 -19.38
C ALA A 265 14.38 -12.88 -19.31
N ASP A 266 13.11 -12.72 -18.87
CA ASP A 266 12.14 -13.81 -18.78
C ASP A 266 11.86 -14.46 -20.14
N LEU A 267 11.61 -13.66 -21.17
CA LEU A 267 11.30 -14.11 -22.51
C LEU A 267 12.48 -14.88 -23.12
N THR A 268 13.73 -14.41 -22.95
CA THR A 268 14.88 -15.17 -23.48
C THR A 268 15.15 -16.43 -22.61
N CYS A 269 14.81 -16.42 -21.31
CA CYS A 269 14.98 -17.61 -20.46
C CYS A 269 14.13 -18.79 -20.96
N TYR A 270 12.84 -18.55 -21.23
CA TYR A 270 11.94 -19.58 -21.73
C TYR A 270 12.30 -20.01 -23.15
N MSE A 271 12.56 -19.02 -24.03
CA MSE A 271 12.77 -19.29 -25.46
C MSE A 271 14.12 -19.90 -25.72
O MSE A 271 14.18 -20.75 -26.61
CB MSE A 271 12.50 -18.04 -26.27
CG MSE A 271 11.02 -17.68 -26.20
SE MSE A 271 10.60 -16.09 -27.20
CE MSE A 271 10.66 -16.87 -28.92
N ASN A 272 15.14 -19.61 -24.91
CA ASN A 272 16.46 -20.30 -25.00
C ASN A 272 16.32 -21.75 -24.53
N ALA A 273 15.62 -21.98 -23.38
CA ALA A 273 15.41 -23.34 -22.84
C ALA A 273 14.71 -24.24 -23.85
N TYR A 274 13.77 -23.67 -24.63
CA TYR A 274 13.01 -24.44 -25.61
C TYR A 274 13.67 -24.44 -27.01
N ASN A 275 14.85 -23.78 -27.17
CA ASN A 275 15.56 -23.62 -28.48
C ASN A 275 14.54 -23.15 -29.51
N ASP A 276 13.72 -22.17 -29.10
CA ASP A 276 12.62 -21.67 -29.87
C ASP A 276 13.07 -20.96 -31.17
N PRO A 277 12.61 -21.46 -32.35
CA PRO A 277 12.94 -20.77 -33.62
C PRO A 277 12.22 -19.43 -33.79
N ARG A 278 11.30 -19.06 -32.90
CA ARG A 278 10.64 -17.75 -32.96
C ARG A 278 11.56 -16.69 -32.39
N ARG A 279 12.72 -17.08 -31.82
CA ARG A 279 13.71 -16.10 -31.31
C ARG A 279 14.15 -15.18 -32.42
N GLU A 280 14.53 -15.75 -33.59
CA GLU A 280 14.95 -15.01 -34.77
C GLU A 280 13.78 -14.22 -35.35
N ALA A 281 12.52 -14.62 -35.10
CA ALA A 281 11.42 -13.83 -35.65
C ALA A 281 11.12 -12.60 -34.77
N TYR A 282 11.37 -12.70 -33.45
CA TYR A 282 11.02 -11.68 -32.45
C TYR A 282 12.12 -10.68 -32.17
N TYR A 283 13.36 -11.15 -32.05
CA TYR A 283 14.40 -10.24 -31.64
C TYR A 283 15.77 -10.66 -32.13
N ASP A 284 16.78 -9.84 -31.82
CA ASP A 284 18.15 -10.07 -32.24
C ASP A 284 19.03 -10.50 -31.09
N LYS A 285 20.22 -11.02 -31.42
CA LYS A 285 21.22 -11.34 -30.42
C LYS A 285 21.76 -10.03 -29.83
N SER A 286 22.35 -10.13 -28.66
CA SER A 286 22.92 -9.01 -27.92
C SER A 286 24.04 -8.30 -28.74
N THR A 287 24.30 -7.02 -28.43
CA THR A 287 25.29 -6.20 -29.14
C THR A 287 26.21 -5.52 -28.10
N PHE A 288 26.63 -6.29 -27.07
CA PHE A 288 27.47 -5.79 -25.98
C PHE A 288 28.83 -5.30 -26.49
N GLY A 289 29.39 -5.95 -27.51
CA GLY A 289 30.65 -5.56 -28.12
C GLY A 289 30.59 -4.17 -28.73
N THR A 290 29.48 -3.86 -29.41
CA THR A 290 29.21 -2.55 -30.02
C THR A 290 29.13 -1.47 -28.93
N VAL A 291 28.18 -1.62 -28.00
CA VAL A 291 27.91 -0.74 -26.87
C VAL A 291 29.17 -0.51 -25.99
N SER A 292 29.97 -1.57 -25.76
CA SER A 292 31.15 -1.52 -24.90
C SER A 292 32.40 -0.97 -25.59
N GLY A 293 32.32 -0.73 -26.91
CA GLY A 293 33.47 -0.31 -27.70
C GLY A 293 34.51 -1.40 -27.73
N ASN A 294 34.04 -2.67 -27.74
CA ASN A 294 34.79 -3.93 -27.75
C ASN A 294 35.51 -4.22 -26.43
N ALA A 295 35.10 -3.56 -25.32
CA ALA A 295 35.67 -3.85 -24.00
C ALA A 295 35.01 -5.12 -23.39
N TYR A 296 33.81 -5.51 -23.91
CA TYR A 296 33.05 -6.69 -23.48
C TYR A 296 33.83 -7.99 -23.78
N THR A 297 34.02 -8.84 -22.76
CA THR A 297 34.83 -10.08 -22.86
C THR A 297 33.99 -11.33 -23.07
N GLY A 298 32.69 -11.23 -22.89
CA GLY A 298 31.79 -12.37 -23.06
C GLY A 298 31.45 -12.66 -24.51
N GLU A 299 30.38 -13.43 -24.70
CA GLU A 299 29.85 -13.82 -26.01
C GLU A 299 28.51 -13.13 -26.26
N GLU A 300 28.11 -13.03 -27.53
CA GLU A 300 26.79 -12.49 -27.89
C GLU A 300 25.80 -13.65 -27.98
N SER A 301 24.56 -13.44 -27.50
CA SER A 301 23.51 -14.47 -27.53
C SER A 301 22.15 -13.84 -27.45
N TYR A 302 21.10 -14.66 -27.42
CA TYR A 302 19.74 -14.16 -27.17
C TYR A 302 19.62 -13.99 -25.67
N VAL A 303 19.68 -12.73 -25.20
CA VAL A 303 19.68 -12.48 -23.77
C VAL A 303 19.02 -11.11 -23.49
N GLY A 304 17.95 -11.15 -22.71
CA GLY A 304 17.20 -9.97 -22.37
C GLY A 304 17.75 -9.25 -21.16
N LEU A 305 17.12 -8.14 -20.83
CA LEU A 305 17.50 -7.35 -19.67
C LEU A 305 16.50 -7.62 -18.52
N ARG A 306 16.96 -7.57 -17.27
CA ARG A 306 16.12 -7.78 -16.12
C ARG A 306 15.06 -6.65 -16.03
N ARG A 307 13.79 -7.04 -15.81
CA ARG A 307 12.70 -6.07 -15.65
C ARG A 307 12.75 -5.52 -14.22
N GLY A 308 12.33 -4.27 -14.05
CA GLY A 308 12.29 -3.65 -12.73
C GLY A 308 13.60 -3.15 -12.17
N ILE A 309 14.58 -2.84 -13.03
CA ILE A 309 15.84 -2.23 -12.58
C ILE A 309 15.49 -0.77 -12.22
N LEU A 310 15.88 -0.31 -11.03
CA LEU A 310 15.55 1.03 -10.59
C LEU A 310 16.24 2.04 -11.48
N GLN A 311 15.50 3.12 -11.82
CA GLN A 311 16.04 4.24 -12.58
C GLN A 311 17.28 4.75 -11.86
N GLY A 312 18.39 4.83 -12.59
CA GLY A 312 19.67 5.28 -12.07
C GLY A 312 20.58 4.16 -11.60
N GLN A 313 20.11 2.89 -11.70
CA GLN A 313 20.88 1.72 -11.22
C GLN A 313 21.11 0.68 -12.31
N TYR A 314 21.30 1.15 -13.54
CA TYR A 314 21.58 0.30 -14.70
C TYR A 314 23.05 0.17 -14.94
N ASN A 315 23.49 -1.00 -15.42
CA ASN A 315 24.87 -1.16 -15.88
C ASN A 315 24.94 -0.35 -17.19
N SER A 316 26.02 0.42 -17.43
CA SER A 316 26.13 1.29 -18.62
C SER A 316 26.03 0.55 -19.98
N TRP A 317 26.21 -0.78 -20.02
CA TRP A 317 26.14 -1.54 -21.27
C TRP A 317 24.79 -2.24 -21.48
N SER A 318 23.78 -1.93 -20.64
CA SER A 318 22.42 -2.51 -20.66
C SER A 318 21.71 -2.48 -22.01
N GLN A 319 21.98 -1.47 -22.86
CA GLN A 319 21.28 -1.41 -24.16
C GLN A 319 21.90 -2.40 -25.18
N GLY A 320 22.97 -3.10 -24.78
CA GLY A 320 23.56 -4.18 -25.55
C GLY A 320 22.71 -5.45 -25.48
N SER A 321 21.70 -5.50 -24.57
CA SER A 321 20.73 -6.60 -24.41
C SER A 321 19.95 -6.78 -25.70
N SER A 322 19.40 -8.00 -25.92
CA SER A 322 18.58 -8.33 -27.10
C SER A 322 17.48 -7.30 -27.30
N CYS A 323 17.33 -6.87 -28.56
CA CYS A 323 16.39 -5.85 -29.02
C CYS A 323 15.41 -6.47 -29.99
N MSE A 324 14.14 -6.02 -29.93
CA MSE A 324 13.07 -6.47 -30.83
C MSE A 324 13.48 -6.26 -32.26
O MSE A 324 14.13 -5.26 -32.59
CB MSE A 324 11.78 -5.70 -30.51
CG MSE A 324 10.53 -6.18 -31.25
SE MSE A 324 8.99 -5.19 -30.54
CE MSE A 324 7.62 -5.79 -31.80
N LYS A 325 13.11 -7.21 -33.13
CA LYS A 325 13.31 -7.13 -34.58
C LYS A 325 12.08 -6.41 -35.08
N VAL A 326 12.21 -5.14 -35.50
CA VAL A 326 11.02 -4.36 -35.87
C VAL A 326 11.39 -3.22 -36.79
N THR A 327 10.54 -2.94 -37.80
CA THR A 327 10.69 -1.79 -38.68
C THR A 327 9.46 -0.87 -38.54
N THR A 328 9.55 0.36 -39.05
CA THR A 328 8.48 1.34 -38.99
C THR A 328 7.22 0.87 -39.75
N SER A 329 7.37 0.00 -40.74
CA SER A 329 6.23 -0.40 -41.54
C SER A 329 5.56 -1.69 -41.03
N ASP A 330 6.12 -2.34 -39.98
CA ASP A 330 5.54 -3.56 -39.43
C ASP A 330 4.14 -3.33 -38.89
N ASN A 331 3.26 -4.31 -39.10
CA ASN A 331 1.87 -4.25 -38.62
C ASN A 331 1.79 -4.29 -37.12
N ILE A 332 0.75 -3.65 -36.61
CA ILE A 332 0.46 -3.68 -35.19
C ILE A 332 -0.35 -4.98 -34.94
N VAL A 333 0.02 -5.74 -33.88
CA VAL A 333 -0.61 -7.00 -33.54
C VAL A 333 -1.80 -6.71 -32.64
N VAL A 334 -3.03 -7.00 -33.13
CA VAL A 334 -4.25 -6.70 -32.36
C VAL A 334 -4.81 -7.98 -31.68
N PHE A 335 -4.97 -9.08 -32.42
CA PHE A 335 -5.54 -10.31 -31.89
C PHE A 335 -5.13 -11.47 -32.80
N ARG A 336 -4.20 -12.27 -32.29
CA ARG A 336 -3.64 -13.41 -33.00
C ARG A 336 -4.58 -14.61 -32.98
N ALA A 337 -4.62 -15.36 -34.09
CA ALA A 337 -5.38 -16.62 -34.21
C ALA A 337 -4.81 -17.67 -33.27
N SER A 338 -3.48 -17.68 -33.03
CA SER A 338 -2.86 -18.64 -32.12
C SER A 338 -3.44 -18.50 -30.68
N GLU A 339 -3.81 -17.27 -30.24
CA GLU A 339 -4.45 -17.01 -28.92
C GLU A 339 -5.79 -17.78 -28.79
N VAL A 340 -6.58 -17.82 -29.86
CA VAL A 340 -7.87 -18.49 -29.93
C VAL A 340 -7.68 -20.01 -29.79
N ALA A 341 -6.66 -20.57 -30.44
CA ALA A 341 -6.38 -22.00 -30.30
C ALA A 341 -5.99 -22.34 -28.83
N PHE A 342 -5.23 -21.47 -28.17
CA PHE A 342 -4.84 -21.65 -26.77
C PHE A 342 -6.03 -21.44 -25.83
N LEU A 343 -6.96 -20.56 -26.20
CA LEU A 343 -8.19 -20.37 -25.44
C LEU A 343 -9.06 -21.62 -25.54
N ARG A 344 -9.11 -22.25 -26.72
CA ARG A 344 -9.87 -23.48 -26.95
C ARG A 344 -9.20 -24.62 -26.23
N ALA A 345 -7.85 -24.65 -26.13
CA ALA A 345 -7.11 -25.67 -25.38
C ALA A 345 -7.49 -25.60 -23.90
N GLU A 346 -7.59 -24.37 -23.36
CA GLU A 346 -7.94 -24.13 -21.96
C GLU A 346 -9.39 -24.55 -21.70
N GLY A 347 -10.30 -24.17 -22.59
CA GLY A 347 -11.70 -24.55 -22.46
C GLY A 347 -11.87 -26.07 -22.52
N ALA A 348 -11.09 -26.76 -23.37
CA ALA A 348 -11.14 -28.21 -23.51
C ALA A 348 -10.63 -28.85 -22.20
N LEU A 349 -9.59 -28.24 -21.59
CA LEU A 349 -9.02 -28.67 -20.30
C LEU A 349 -10.05 -28.51 -19.17
N ARG A 350 -10.92 -27.47 -19.26
CA ARG A 350 -12.00 -27.17 -18.31
C ARG A 350 -13.22 -28.01 -18.61
N ASN A 351 -13.10 -28.94 -19.57
CA ASN A 351 -14.15 -29.87 -19.94
C ASN A 351 -15.36 -29.12 -20.62
N TRP A 352 -15.04 -28.11 -21.41
CA TRP A 352 -16.05 -27.39 -22.19
C TRP A 352 -16.02 -27.92 -23.59
N ASN A 353 -17.11 -27.80 -24.33
CA ASN A 353 -17.17 -28.31 -25.69
C ASN A 353 -16.53 -27.29 -26.68
N MSE A 354 -15.22 -27.49 -26.93
CA MSE A 354 -14.40 -26.60 -27.77
C MSE A 354 -14.19 -27.14 -29.19
O MSE A 354 -13.56 -26.46 -30.00
CB MSE A 354 -13.04 -26.35 -27.10
CG MSE A 354 -13.19 -25.64 -25.76
SE MSE A 354 -13.71 -23.73 -25.85
CE MSE A 354 -15.63 -23.88 -25.53
N GLY A 355 -14.70 -28.33 -29.46
CA GLY A 355 -14.56 -29.01 -30.74
C GLY A 355 -13.28 -29.83 -30.90
N GLY A 356 -12.70 -30.29 -29.80
CA GLY A 356 -11.47 -31.09 -29.82
C GLY A 356 -10.83 -31.20 -28.46
N THR A 357 -9.71 -31.96 -28.37
CA THR A 357 -8.99 -32.16 -27.10
C THR A 357 -8.07 -30.97 -26.78
N ALA A 358 -7.71 -30.81 -25.51
CA ALA A 358 -6.76 -29.81 -25.02
C ALA A 358 -5.40 -29.95 -25.75
N LYS A 359 -4.92 -31.20 -25.91
CA LYS A 359 -3.69 -31.49 -26.60
C LYS A 359 -3.72 -31.02 -28.04
N ASP A 360 -4.83 -31.28 -28.76
CA ASP A 360 -4.90 -30.90 -30.16
C ASP A 360 -4.89 -29.39 -30.36
N PHE A 361 -5.57 -28.63 -29.48
CA PHE A 361 -5.58 -27.18 -29.59
C PHE A 361 -4.28 -26.56 -29.12
N TYR A 362 -3.62 -27.15 -28.12
CA TYR A 362 -2.30 -26.73 -27.64
C TYR A 362 -1.29 -26.78 -28.80
N GLU A 363 -1.23 -27.93 -29.50
CA GLU A 363 -0.32 -28.17 -30.61
C GLU A 363 -0.70 -27.29 -31.83
N GLU A 364 -2.01 -27.08 -32.05
CA GLU A 364 -2.51 -26.19 -33.09
C GLU A 364 -2.11 -24.73 -32.80
N GLY A 365 -2.15 -24.29 -31.54
CA GLY A 365 -1.75 -22.94 -31.15
C GLY A 365 -0.28 -22.67 -31.46
N ILE A 366 0.58 -23.65 -31.14
CA ILE A 366 2.03 -23.59 -31.44
C ILE A 366 2.25 -23.54 -32.98
N ARG A 367 1.58 -24.42 -33.75
CA ARG A 367 1.67 -24.44 -35.22
C ARG A 367 1.23 -23.10 -35.80
N LEU A 368 0.09 -22.54 -35.32
CA LEU A 368 -0.39 -21.25 -35.78
C LEU A 368 0.63 -20.14 -35.49
N SER A 369 1.29 -20.19 -34.30
CA SER A 369 2.28 -19.17 -33.94
C SER A 369 3.51 -19.26 -34.86
N PHE A 370 3.96 -20.48 -35.16
CA PHE A 370 5.08 -20.72 -36.11
C PHE A 370 4.73 -20.09 -37.49
N GLU A 371 3.52 -20.38 -38.00
CA GLU A 371 3.00 -19.84 -39.27
C GLU A 371 2.91 -18.31 -39.22
N GLU A 372 2.42 -17.74 -38.12
CA GLU A 372 2.31 -16.29 -37.94
C GLU A 372 3.69 -15.61 -38.03
N ASN A 373 4.76 -16.34 -37.67
CA ASN A 373 6.11 -15.81 -37.59
C ASN A 373 6.98 -16.29 -38.74
N GLY A 374 6.34 -16.84 -39.78
CA GLY A 374 6.98 -17.28 -41.01
C GLY A 374 7.91 -18.47 -40.86
N ILE A 375 7.73 -19.28 -39.80
CA ILE A 375 8.59 -20.45 -39.60
C ILE A 375 7.97 -21.63 -40.33
N THR A 376 8.67 -22.13 -41.34
CA THR A 376 8.20 -23.18 -42.24
C THR A 376 8.68 -24.60 -41.86
N SER A 377 9.68 -24.71 -40.97
CA SER A 377 10.17 -26.03 -40.54
C SER A 377 10.50 -26.09 -39.03
N GLY A 378 10.52 -27.33 -38.50
CA GLY A 378 10.90 -27.63 -37.13
C GLY A 378 9.84 -27.58 -36.05
N VAL A 379 8.54 -27.53 -36.42
CA VAL A 379 7.47 -27.47 -35.42
C VAL A 379 7.35 -28.82 -34.69
N GLU A 380 7.48 -29.94 -35.41
CA GLU A 380 7.38 -31.29 -34.86
C GLU A 380 8.49 -31.54 -33.83
N ASN A 381 9.71 -31.04 -34.06
CA ASN A 381 10.80 -31.19 -33.09
C ASN A 381 10.54 -30.29 -31.90
N TYR A 382 10.01 -29.09 -32.14
CA TYR A 382 9.70 -28.15 -31.07
C TYR A 382 8.62 -28.75 -30.14
N LEU A 383 7.55 -29.34 -30.72
CA LEU A 383 6.43 -29.96 -30.01
C LEU A 383 6.88 -31.11 -29.09
N ALA A 384 7.99 -31.76 -29.40
CA ALA A 384 8.57 -32.88 -28.64
C ALA A 384 9.64 -32.42 -27.62
N SER A 385 9.98 -31.14 -27.63
CA SER A 385 11.01 -30.53 -26.77
C SER A 385 10.69 -30.70 -25.28
N THR A 386 11.72 -31.08 -24.49
CA THR A 386 11.61 -31.24 -23.03
C THR A 386 12.66 -30.36 -22.27
N GLY A 387 13.10 -29.30 -22.92
CA GLY A 387 14.04 -28.31 -22.39
C GLY A 387 13.52 -27.60 -21.16
N LYS A 388 14.36 -27.51 -20.15
CA LYS A 388 13.96 -26.92 -18.87
C LYS A 388 14.54 -25.54 -18.71
N VAL A 389 13.75 -24.62 -18.11
CA VAL A 389 14.14 -23.23 -17.86
C VAL A 389 15.24 -23.19 -16.84
N GLU A 390 16.34 -22.56 -17.20
CA GLU A 390 17.51 -22.41 -16.33
C GLU A 390 17.52 -21.00 -15.74
N ALA A 391 18.39 -20.79 -14.75
CA ALA A 391 18.60 -19.53 -14.05
C ALA A 391 19.07 -18.42 -15.01
N TYR A 392 18.67 -17.19 -14.75
CA TYR A 392 19.12 -16.07 -15.55
C TYR A 392 20.49 -15.60 -15.06
N LYS A 393 21.52 -15.70 -15.92
CA LYS A 393 22.87 -15.25 -15.61
C LYS A 393 23.06 -13.90 -16.28
N ASP A 394 23.10 -12.78 -15.50
CA ASP A 394 23.31 -11.43 -16.06
C ASP A 394 24.64 -11.43 -16.90
N PRO A 395 24.57 -11.21 -18.24
CA PRO A 395 25.81 -11.25 -19.06
C PRO A 395 26.80 -10.13 -18.76
N LEU A 396 26.36 -9.11 -18.02
CA LEU A 396 27.21 -7.98 -17.68
C LEU A 396 27.90 -8.14 -16.31
N LYS A 397 27.55 -9.20 -15.55
CA LYS A 397 28.16 -9.51 -14.24
C LYS A 397 29.69 -9.66 -14.37
N GLY A 398 30.42 -8.88 -13.57
CA GLY A 398 31.88 -8.86 -13.57
C GLY A 398 32.55 -8.11 -14.71
N GLN A 399 31.77 -7.55 -15.67
CA GLN A 399 32.33 -6.80 -16.80
C GLN A 399 32.86 -5.42 -16.35
N SER A 400 33.73 -4.82 -17.17
CA SER A 400 34.40 -3.56 -16.90
C SER A 400 33.41 -2.40 -16.65
N ALA A 401 33.52 -1.76 -15.45
CA ALA A 401 32.71 -0.63 -14.97
C ALA A 401 31.22 -1.01 -14.80
N GLN A 402 30.86 -2.31 -14.93
CA GLN A 402 29.49 -2.83 -14.80
C GLN A 402 29.33 -3.31 -13.37
N THR A 403 28.84 -2.41 -12.50
CA THR A 403 28.69 -2.56 -11.03
C THR A 403 27.63 -3.57 -10.59
N TYR A 404 26.50 -3.64 -11.30
CA TYR A 404 25.35 -4.42 -10.89
C TYR A 404 25.30 -5.84 -11.45
N ASP A 405 24.61 -6.72 -10.74
CA ASP A 405 24.37 -8.11 -11.10
C ASP A 405 22.88 -8.39 -10.92
N TYR A 406 22.13 -8.43 -12.03
CA TYR A 406 20.69 -8.63 -11.99
C TYR A 406 20.29 -10.07 -12.30
N SER A 407 21.20 -11.02 -12.04
CA SER A 407 20.93 -12.46 -12.17
C SER A 407 19.77 -12.87 -11.24
N GLY A 408 19.03 -13.88 -11.66
CA GLY A 408 17.91 -14.39 -10.88
C GLY A 408 17.47 -15.73 -11.44
N ALA A 409 16.32 -16.24 -10.97
CA ALA A 409 15.85 -17.52 -11.47
C ALA A 409 14.36 -17.60 -11.50
N ILE A 410 13.82 -18.18 -12.60
CA ILE A 410 12.40 -18.46 -12.76
C ILE A 410 12.19 -19.86 -12.15
N ASN A 411 11.30 -19.97 -11.19
CA ASN A 411 11.10 -21.29 -10.58
C ASN A 411 9.92 -22.00 -11.25
N THR A 412 10.22 -22.81 -12.28
CA THR A 412 9.20 -23.56 -13.03
C THR A 412 9.83 -24.78 -13.68
N ASN A 413 9.04 -25.83 -13.89
CA ASN A 413 9.50 -27.05 -14.58
C ASN A 413 8.74 -27.23 -15.89
N VAL A 414 7.97 -26.19 -16.32
CA VAL A 414 7.16 -26.22 -17.53
C VAL A 414 8.07 -26.37 -18.77
N THR A 415 7.67 -27.27 -19.66
CA THR A 415 8.35 -27.48 -20.91
C THR A 415 7.28 -27.57 -22.01
N VAL A 416 7.70 -27.84 -23.26
CA VAL A 416 6.83 -27.83 -24.43
C VAL A 416 6.01 -29.12 -24.56
N ALA A 417 6.67 -30.31 -24.65
CA ALA A 417 6.03 -31.60 -24.87
C ALA A 417 4.81 -31.77 -23.95
N TRP A 418 3.60 -31.83 -24.56
CA TRP A 418 2.32 -31.98 -23.87
C TRP A 418 2.35 -33.22 -22.96
N SER A 419 2.16 -33.04 -21.65
CA SER A 419 2.21 -34.19 -20.76
C SER A 419 0.80 -34.70 -20.38
N GLY A 420 -0.19 -33.83 -20.45
CA GLY A 420 -1.55 -34.16 -20.02
C GLY A 420 -1.61 -34.40 -18.52
N GLY A 421 -2.69 -35.01 -18.05
CA GLY A 421 -2.89 -35.29 -16.63
C GLY A 421 -3.25 -34.05 -15.83
N ASP A 422 -2.48 -33.80 -14.76
CA ASP A 422 -2.69 -32.75 -13.77
C ASP A 422 -3.15 -31.41 -14.36
N PHE A 423 -4.29 -30.93 -13.92
CA PHE A 423 -4.92 -29.70 -14.43
C PHE A 423 -3.96 -28.49 -14.39
N GLU A 424 -3.40 -28.13 -13.22
CA GLU A 424 -2.52 -26.95 -13.08
C GLU A 424 -1.29 -27.04 -13.95
N LYS A 425 -0.64 -28.21 -14.02
CA LYS A 425 0.54 -28.37 -14.86
C LYS A 425 0.16 -28.24 -16.37
N SER A 426 -1.05 -28.65 -16.77
CA SER A 426 -1.49 -28.51 -18.16
C SER A 426 -1.85 -27.08 -18.48
N LEU A 427 -2.51 -26.39 -17.55
CA LEU A 427 -2.86 -24.99 -17.70
C LEU A 427 -1.59 -24.16 -17.82
N GLU A 428 -0.55 -24.51 -17.03
CA GLU A 428 0.72 -23.81 -17.10
C GLU A 428 1.34 -23.96 -18.51
N GLN A 429 1.29 -25.17 -19.11
CA GLN A 429 1.79 -25.38 -20.47
C GLN A 429 1.03 -24.53 -21.47
N ILE A 430 -0.31 -24.56 -21.45
CA ILE A 430 -1.15 -23.79 -22.36
C ILE A 430 -0.84 -22.29 -22.28
N ILE A 431 -0.81 -21.73 -21.05
CA ILE A 431 -0.64 -20.29 -20.82
C ILE A 431 0.78 -19.86 -21.14
N THR A 432 1.78 -20.68 -20.85
CA THR A 432 3.18 -20.34 -21.15
C THR A 432 3.35 -20.27 -22.67
N GLN A 433 2.77 -21.25 -23.40
CA GLN A 433 2.87 -21.26 -24.85
C GLN A 433 2.03 -20.15 -25.46
N LYS A 434 0.87 -19.80 -24.87
CA LYS A 434 0.08 -18.64 -25.31
C LYS A 434 0.88 -17.34 -25.12
N TRP A 435 1.59 -17.24 -24.00
CA TRP A 435 2.43 -16.08 -23.63
C TRP A 435 3.56 -15.87 -24.67
N ILE A 436 4.31 -16.94 -25.06
CA ILE A 436 5.33 -16.83 -26.10
C ILE A 436 4.68 -16.38 -27.41
N ALA A 437 3.58 -17.04 -27.81
CA ALA A 437 2.90 -16.72 -29.06
C ALA A 437 2.28 -15.31 -29.11
N ASN A 438 1.86 -14.75 -27.96
CA ASN A 438 1.16 -13.47 -27.93
C ASN A 438 2.07 -12.28 -27.86
N PHE A 439 3.39 -12.48 -27.83
CA PHE A 439 4.30 -11.35 -27.91
C PHE A 439 3.98 -10.55 -29.22
N PRO A 440 3.95 -9.19 -29.25
CA PRO A 440 4.24 -8.22 -28.17
C PRO A 440 2.97 -7.67 -27.44
N ASN A 441 1.88 -8.44 -27.43
CA ASN A 441 0.60 -8.04 -26.81
C ASN A 441 0.64 -8.19 -25.30
N GLY A 442 1.33 -7.26 -24.63
CA GLY A 442 1.50 -7.28 -23.19
C GLY A 442 0.25 -7.05 -22.39
N MSE A 443 -0.69 -6.22 -22.92
CA MSE A 443 -1.93 -5.95 -22.18
C MSE A 443 -2.67 -7.26 -21.91
O MSE A 443 -2.99 -7.55 -20.74
CB MSE A 443 -2.83 -4.94 -22.95
CG MSE A 443 -4.05 -4.47 -22.12
SE MSE A 443 -3.54 -3.63 -20.40
CE MSE A 443 -4.75 -4.58 -19.18
N GLU A 444 -2.83 -8.08 -22.95
CA GLU A 444 -3.50 -9.37 -22.85
C GLU A 444 -2.71 -10.32 -21.95
N SER A 445 -1.40 -10.39 -22.14
CA SER A 445 -0.53 -11.31 -21.36
C SER A 445 -0.42 -10.92 -19.88
N TRP A 446 -0.51 -9.63 -19.54
CA TRP A 446 -0.55 -9.17 -18.15
C TRP A 446 -1.89 -9.65 -17.52
N THR A 447 -3.00 -9.47 -18.25
CA THR A 447 -4.31 -9.91 -17.77
C THR A 447 -4.30 -11.45 -17.53
N GLU A 448 -3.69 -12.20 -18.44
CA GLU A 448 -3.67 -13.66 -18.35
C GLU A 448 -2.74 -14.16 -17.25
N TYR A 449 -1.66 -13.40 -16.98
CA TYR A 449 -0.72 -13.71 -15.90
C TYR A 449 -1.44 -13.56 -14.54
N ARG A 450 -2.19 -12.46 -14.40
CA ARG A 450 -2.95 -12.21 -13.19
C ARG A 450 -4.03 -13.27 -12.99
N ARG A 451 -4.79 -13.60 -14.04
CA ARG A 451 -5.88 -14.56 -13.96
C ARG A 451 -5.40 -15.97 -13.60
N THR A 452 -4.37 -16.47 -14.28
CA THR A 452 -3.96 -17.87 -14.11
C THR A 452 -2.72 -18.10 -13.25
N GLY A 453 -1.87 -17.07 -13.12
CA GLY A 453 -0.59 -17.18 -12.42
C GLY A 453 0.54 -17.61 -13.35
N TYR A 454 0.26 -17.75 -14.65
CA TYR A 454 1.27 -18.21 -15.62
C TYR A 454 1.53 -17.21 -16.72
N PRO A 455 2.75 -17.22 -17.32
CA PRO A 455 3.92 -18.03 -16.95
C PRO A 455 4.54 -17.54 -15.65
N LYS A 456 5.36 -18.37 -15.02
CA LYS A 456 6.09 -17.91 -13.83
C LYS A 456 7.11 -16.85 -14.30
N LEU A 457 7.13 -15.70 -13.65
CA LEU A 457 8.02 -14.60 -13.99
C LEU A 457 8.95 -14.29 -12.82
N MSE A 458 10.09 -13.65 -13.12
CA MSE A 458 10.99 -13.21 -12.06
C MSE A 458 10.37 -11.99 -11.37
O MSE A 458 9.67 -11.21 -12.03
CB MSE A 458 12.36 -12.86 -12.63
CG MSE A 458 13.25 -14.07 -12.74
SE MSE A 458 14.98 -13.70 -13.55
CE MSE A 458 14.42 -13.51 -15.40
N PRO A 459 10.55 -11.78 -10.05
CA PRO A 459 10.05 -10.54 -9.48
C PRO A 459 10.87 -9.35 -10.00
N MSE A 460 10.31 -8.13 -9.90
CA MSE A 460 11.02 -6.90 -10.27
C MSE A 460 12.30 -6.77 -9.49
O MSE A 460 12.30 -7.07 -8.30
CB MSE A 460 10.12 -5.66 -10.07
CG MSE A 460 8.87 -5.71 -10.93
SE MSE A 460 9.21 -5.83 -12.84
CE MSE A 460 7.34 -5.50 -13.45
N ALA A 461 13.43 -6.39 -10.13
CA ALA A 461 14.74 -6.25 -9.49
C ALA A 461 14.68 -5.28 -8.28
N ALA A 462 13.92 -4.19 -8.42
CA ALA A 462 13.69 -3.17 -7.42
C ALA A 462 12.18 -2.91 -7.28
N ASN A 463 11.66 -3.19 -6.09
CA ASN A 463 10.27 -2.92 -5.76
C ASN A 463 10.25 -1.60 -4.99
N ALA A 464 9.89 -0.50 -5.67
CA ALA A 464 9.83 0.84 -5.05
C ALA A 464 8.36 1.22 -4.69
N SER A 465 7.51 0.22 -4.38
CA SER A 465 6.12 0.45 -3.98
C SER A 465 5.98 0.83 -2.51
N GLY A 466 7.06 0.68 -1.72
CA GLY A 466 7.07 0.94 -0.29
C GLY A 466 6.42 -0.14 0.56
N GLY A 467 6.10 -1.29 -0.06
CA GLY A 467 5.48 -2.41 0.63
C GLY A 467 4.07 -2.69 0.17
N ILE A 468 3.56 -1.83 -0.75
CA ILE A 468 2.20 -2.01 -1.28
C ILE A 468 2.12 -3.27 -2.12
N VAL A 469 3.05 -3.44 -3.06
CA VAL A 469 3.06 -4.54 -4.02
C VAL A 469 3.89 -5.73 -3.50
N ASN A 470 3.26 -6.90 -3.50
CA ASN A 470 3.90 -8.17 -3.15
C ASN A 470 4.72 -8.64 -4.35
N ASP A 471 5.96 -9.06 -4.11
CA ASP A 471 6.94 -9.47 -5.13
C ASP A 471 6.48 -10.65 -5.98
N ALA A 472 5.83 -11.65 -5.39
CA ALA A 472 5.32 -12.83 -6.10
C ALA A 472 4.07 -12.51 -6.95
N GLU A 473 3.21 -11.60 -6.47
CA GLU A 473 1.97 -11.18 -7.14
C GLU A 473 2.17 -10.14 -8.24
N GLY A 474 3.07 -9.19 -8.00
CA GLY A 474 3.28 -8.06 -8.90
C GLY A 474 2.09 -7.12 -8.88
N ALA A 475 2.01 -6.20 -9.84
CA ALA A 475 0.88 -5.27 -9.93
C ALA A 475 -0.38 -6.02 -10.41
N ARG A 476 -1.48 -5.86 -9.68
CA ARG A 476 -2.75 -6.53 -9.95
C ARG A 476 -3.69 -5.59 -10.64
N ARG A 477 -3.39 -4.30 -10.58
CA ARG A 477 -4.17 -3.25 -11.21
C ARG A 477 -3.40 -1.93 -11.09
N MSE A 478 -3.99 -0.86 -11.61
CA MSE A 478 -3.49 0.50 -11.45
C MSE A 478 -4.43 1.23 -10.53
O MSE A 478 -5.64 1.00 -10.61
CB MSE A 478 -3.36 1.21 -12.82
CG MSE A 478 -2.24 0.64 -13.68
SE MSE A 478 -0.45 1.04 -13.02
CE MSE A 478 -0.47 3.00 -13.11
N PRO A 479 -3.91 2.12 -9.65
CA PRO A 479 -4.81 2.92 -8.81
C PRO A 479 -5.44 4.05 -9.64
N TYR A 480 -6.61 4.52 -9.22
CA TYR A 480 -7.28 5.62 -9.93
C TYR A 480 -6.45 6.90 -9.87
N PRO A 481 -6.35 7.68 -10.96
CA PRO A 481 -5.60 8.96 -10.90
C PRO A 481 -6.13 9.88 -9.79
N THR A 482 -5.21 10.54 -9.04
CA THR A 482 -5.51 11.45 -7.91
CA THR A 482 -5.56 11.43 -7.91
C THR A 482 -6.47 12.57 -8.35
N ASP A 483 -6.35 13.05 -9.61
CA ASP A 483 -7.17 14.14 -10.18
C ASP A 483 -8.63 13.77 -10.30
N GLU A 484 -8.93 12.46 -10.41
CA GLU A 484 -10.31 11.98 -10.50
C GLU A 484 -11.00 12.07 -9.15
N TYR A 485 -10.22 11.95 -8.04
CA TYR A 485 -10.74 12.15 -6.69
C TYR A 485 -11.10 13.62 -6.48
N ARG A 486 -10.42 14.54 -7.19
CA ARG A 486 -10.69 15.97 -7.01
C ARG A 486 -11.81 16.48 -7.91
N GLU A 487 -11.89 16.00 -9.15
CA GLU A 487 -12.91 16.41 -10.12
C GLU A 487 -14.19 15.56 -10.07
N ASN A 488 -14.14 14.33 -9.50
CA ASN A 488 -15.31 13.43 -9.49
C ASN A 488 -15.37 12.54 -8.21
N ARG A 489 -15.10 13.15 -7.04
CA ARG A 489 -14.98 12.51 -5.73
C ARG A 489 -16.09 11.51 -5.38
N GLU A 490 -17.38 11.89 -5.47
CA GLU A 490 -18.47 11.00 -5.09
C GLU A 490 -18.43 9.70 -5.85
N SER A 491 -18.35 9.79 -7.18
CA SER A 491 -18.29 8.65 -8.09
C SER A 491 -17.03 7.81 -7.90
N VAL A 492 -15.86 8.46 -7.66
CA VAL A 492 -14.58 7.73 -7.51
C VAL A 492 -14.57 6.98 -6.16
N GLU A 493 -15.10 7.62 -5.10
CA GLU A 493 -15.16 7.02 -3.77
C GLU A 493 -16.12 5.85 -3.74
N ALA A 494 -17.21 5.92 -4.52
CA ALA A 494 -18.17 4.85 -4.66
C ALA A 494 -17.53 3.70 -5.46
N ALA A 495 -16.70 4.04 -6.47
CA ALA A 495 -15.96 3.07 -7.30
C ALA A 495 -14.96 2.26 -6.48
N VAL A 496 -14.29 2.91 -5.50
CA VAL A 496 -13.31 2.25 -4.62
C VAL A 496 -14.10 1.30 -3.69
N ALA A 497 -15.32 1.71 -3.29
CA ALA A 497 -16.20 0.89 -2.48
C ALA A 497 -16.67 -0.33 -3.30
N THR A 498 -17.00 -0.13 -4.59
CA THR A 498 -17.41 -1.21 -5.51
C THR A 498 -16.24 -2.18 -5.75
N LEU A 499 -15.03 -1.63 -5.97
CA LEU A 499 -13.80 -2.39 -6.21
C LEU A 499 -13.54 -3.34 -5.03
N THR A 500 -13.65 -2.84 -3.82
CA THR A 500 -13.45 -3.57 -2.56
C THR A 500 -14.49 -4.68 -2.43
N GLN A 501 -15.79 -4.35 -2.62
CA GLN A 501 -16.90 -5.30 -2.51
C GLN A 501 -16.76 -6.47 -3.53
N GLU A 502 -16.33 -6.19 -4.77
CA GLU A 502 -16.14 -7.24 -5.80
C GLU A 502 -14.86 -8.05 -5.61
N SER A 503 -13.88 -7.52 -4.86
CA SER A 503 -12.58 -8.17 -4.73
C SER A 503 -12.55 -9.28 -3.70
N LYS A 504 -11.63 -10.23 -3.91
CA LYS A 504 -11.37 -11.29 -2.96
C LYS A 504 -9.97 -11.07 -2.32
N THR A 505 -9.24 -10.01 -2.77
CA THR A 505 -7.96 -9.56 -2.21
C THR A 505 -8.08 -8.03 -2.07
N LYS A 506 -8.79 -7.60 -1.02
CA LYS A 506 -9.10 -6.21 -0.70
C LYS A 506 -7.87 -5.49 -0.12
N ARG A 507 -7.26 -4.56 -0.91
CA ARG A 507 -6.05 -3.83 -0.51
C ARG A 507 -6.16 -2.31 -0.79
N GLY A 508 -7.39 -1.80 -0.88
CA GLY A 508 -7.68 -0.39 -1.13
C GLY A 508 -7.48 -0.01 -2.58
N ASP A 509 -7.49 1.30 -2.87
CA ASP A 509 -7.26 1.79 -4.22
C ASP A 509 -5.76 1.79 -4.47
N THR A 510 -5.19 0.58 -4.61
CA THR A 510 -3.77 0.41 -4.82
C THR A 510 -3.54 -0.60 -5.95
N MSE A 511 -2.27 -0.83 -6.26
CA MSE A 511 -1.84 -1.82 -7.24
C MSE A 511 -2.01 -3.26 -6.75
O MSE A 511 -1.91 -4.19 -7.55
CB MSE A 511 -0.36 -1.58 -7.57
CG MSE A 511 -0.11 -0.38 -8.46
SE MSE A 511 1.77 -0.32 -8.94
CE MSE A 511 1.78 1.32 -10.05
N ALA A 512 -2.28 -3.45 -5.44
CA ALA A 512 -2.34 -4.75 -4.78
C ALA A 512 -3.71 -5.38 -4.81
N THR A 513 -4.76 -4.56 -5.03
CA THR A 513 -6.14 -5.04 -5.06
C THR A 513 -6.44 -5.83 -6.31
N HIS A 514 -7.11 -6.98 -6.13
CA HIS A 514 -7.56 -7.83 -7.23
C HIS A 514 -8.86 -7.29 -7.77
N VAL A 515 -8.97 -7.21 -9.08
CA VAL A 515 -10.18 -6.85 -9.80
C VAL A 515 -11.13 -8.07 -9.70
N TRP A 516 -12.41 -7.87 -10.02
CA TRP A 516 -13.46 -8.87 -9.93
C TRP A 516 -13.10 -10.26 -10.57
N TRP A 517 -12.57 -10.31 -11.82
CA TRP A 517 -12.27 -11.62 -12.46
C TRP A 517 -11.03 -12.28 -11.89
N ASP A 518 -10.18 -11.51 -11.17
CA ASP A 518 -8.91 -12.00 -10.62
C ASP A 518 -9.19 -12.68 -9.29
N CYS A 519 -9.85 -13.84 -9.35
CA CYS A 519 -10.24 -14.54 -8.12
C CYS A 519 -9.94 -16.04 -8.20
N LYS A 520 -8.85 -16.44 -8.90
CA LYS A 520 -8.40 -17.84 -8.94
C LYS A 520 -8.16 -18.35 -7.50
N VAL B 23 24.31 -14.36 45.70
CA VAL B 23 23.55 -13.48 44.80
C VAL B 23 24.15 -12.06 44.77
N ASP B 24 24.36 -11.51 43.56
CA ASP B 24 24.90 -10.15 43.38
C ASP B 24 23.73 -9.17 43.31
N TRP B 25 23.31 -8.63 44.48
CA TRP B 25 22.18 -7.71 44.55
C TRP B 25 22.51 -6.38 43.89
N TYR B 26 23.78 -5.96 43.88
CA TYR B 26 24.19 -4.73 43.21
C TYR B 26 23.85 -4.80 41.70
N LEU B 27 24.17 -5.94 41.04
CA LEU B 27 23.92 -6.16 39.62
C LEU B 27 22.41 -6.28 39.33
N VAL B 28 21.66 -7.05 40.15
CA VAL B 28 20.21 -7.27 40.02
C VAL B 28 19.45 -5.91 40.04
N ARG B 29 19.78 -5.05 41.03
CA ARG B 29 19.22 -3.71 41.19
C ARG B 29 19.50 -2.90 39.90
N SER B 30 20.77 -2.93 39.45
CA SER B 30 21.24 -2.24 38.24
C SER B 30 20.43 -2.67 36.98
N LEU B 31 20.20 -3.98 36.79
CA LEU B 31 19.44 -4.56 35.67
C LEU B 31 17.98 -4.15 35.75
N ALA B 32 17.37 -4.24 36.95
CA ALA B 32 15.96 -3.85 37.21
C ALA B 32 15.73 -2.38 36.84
N LEU B 33 16.70 -1.51 37.20
CA LEU B 33 16.67 -0.09 36.91
C LEU B 33 16.70 0.20 35.39
N ASN B 34 17.52 -0.54 34.61
CA ASN B 34 17.57 -0.31 33.16
C ASN B 34 16.27 -0.78 32.51
N LEU B 35 15.72 -1.92 32.97
CA LEU B 35 14.47 -2.44 32.42
C LEU B 35 13.34 -1.47 32.69
N GLN B 36 13.32 -0.87 33.91
CA GLN B 36 12.30 0.10 34.31
C GLN B 36 12.35 1.35 33.42
N ASP B 37 13.55 1.81 33.12
CA ASP B 37 13.80 3.00 32.34
C ASP B 37 13.19 2.92 30.93
N LEU B 38 13.30 1.74 30.28
CA LEU B 38 12.88 1.55 28.88
C LEU B 38 11.36 1.67 28.63
N MSE B 39 10.54 1.79 29.69
CA MSE B 39 9.10 1.96 29.52
C MSE B 39 8.81 3.34 28.88
O MSE B 39 7.85 3.48 28.09
CB MSE B 39 8.38 1.83 30.88
CG MSE B 39 8.41 0.41 31.46
SE MSE B 39 7.10 0.29 32.94
CE MSE B 39 8.11 1.23 34.29
N MSE B 40 9.66 4.33 29.19
CA MSE B 40 9.61 5.74 28.74
C MSE B 40 11.08 6.23 28.76
O MSE B 40 11.50 6.87 29.74
CB MSE B 40 8.69 6.54 29.69
CG MSE B 40 8.24 7.88 29.10
SE MSE B 40 7.08 7.64 27.56
CE MSE B 40 5.60 6.70 28.54
N PRO B 41 11.89 5.79 27.75
CA PRO B 41 13.35 5.96 27.85
C PRO B 41 13.88 7.37 28.03
N GLU B 42 14.88 7.48 28.89
CA GLU B 42 15.56 8.72 29.26
C GLU B 42 16.67 9.07 28.26
N GLN B 43 17.43 8.06 27.76
CA GLN B 43 18.54 8.28 26.82
C GLN B 43 18.06 9.15 25.67
N GLU B 44 18.62 10.38 25.59
CA GLU B 44 18.22 11.45 24.68
C GLU B 44 18.28 11.05 23.22
N ASN B 45 19.27 10.24 22.81
CA ASN B 45 19.42 9.82 21.43
C ASN B 45 18.53 8.61 21.10
N PHE B 46 17.75 8.11 22.05
CA PHE B 46 16.81 7.02 21.80
C PHE B 46 15.41 7.62 21.91
N SER B 47 15.18 8.36 23.00
CA SER B 47 13.95 9.09 23.32
C SER B 47 13.56 10.02 22.17
N GLN B 48 14.54 10.73 21.58
CA GLN B 48 14.32 11.66 20.47
C GLN B 48 13.60 11.00 19.33
N TYR B 49 13.96 9.76 19.00
CA TYR B 49 13.30 9.06 17.92
C TYR B 49 11.94 8.53 18.32
N VAL B 50 11.89 7.71 19.35
CA VAL B 50 10.67 6.97 19.69
C VAL B 50 9.61 7.83 20.35
N ASP B 51 10.00 8.78 21.20
CA ASP B 51 9.01 9.55 21.92
C ASP B 51 8.77 10.95 21.35
N CYS B 52 9.76 11.50 20.72
CA CYS B 52 9.60 12.85 20.22
C CYS B 52 9.30 12.86 18.72
N LEU B 53 10.26 12.42 17.91
CA LEU B 53 10.13 12.46 16.46
C LEU B 53 9.02 11.53 15.94
N MSE B 54 8.84 10.35 16.54
CA MSE B 54 7.80 9.43 16.04
C MSE B 54 6.48 9.66 16.77
O MSE B 54 5.57 10.25 16.19
CB MSE B 54 8.25 7.98 16.15
CG MSE B 54 7.29 7.01 15.45
SE MSE B 54 7.65 5.15 15.89
CE MSE B 54 7.09 5.12 17.77
N ALA B 55 6.39 9.19 18.02
CA ALA B 55 5.15 9.22 18.81
C ALA B 55 4.63 10.65 19.03
N GLY B 56 5.53 11.62 19.23
CA GLY B 56 5.18 13.03 19.44
C GLY B 56 4.47 13.61 18.24
N ALA B 57 4.97 13.29 17.03
CA ALA B 57 4.35 13.70 15.76
C ALA B 57 2.97 13.03 15.55
N PHE B 58 2.93 11.68 15.67
CA PHE B 58 1.75 10.89 15.36
C PHE B 58 0.63 11.08 16.40
N SER B 59 0.99 11.43 17.66
CA SER B 59 0.00 11.69 18.71
C SER B 59 -0.72 13.04 18.57
N GLY B 60 -0.13 13.95 17.81
CA GLY B 60 -0.63 15.31 17.66
C GLY B 60 -0.05 16.27 18.69
N TYR B 61 0.94 15.85 19.49
CA TYR B 61 1.53 16.70 20.55
C TYR B 61 2.69 17.57 20.11
N VAL B 62 3.56 17.03 19.25
CA VAL B 62 4.82 17.71 18.92
C VAL B 62 4.92 18.08 17.46
N ALA B 63 5.48 19.27 17.18
CA ALA B 63 5.79 19.70 15.84
C ALA B 63 7.28 19.87 15.73
N ASP B 64 7.93 19.07 14.89
CA ASP B 64 9.38 19.20 14.62
C ASP B 64 9.65 20.63 14.10
N SER B 65 10.74 21.25 14.57
CA SER B 65 11.11 22.63 14.27
C SER B 65 12.61 22.75 13.92
N ASN B 66 13.18 21.71 13.30
CA ASN B 66 14.57 21.74 12.89
C ASN B 66 14.63 22.46 11.51
N LEU B 67 15.36 23.57 11.45
CA LEU B 67 15.46 24.40 10.24
C LEU B 67 16.64 24.00 9.30
N GLY B 68 17.37 22.94 9.68
CA GLY B 68 18.50 22.44 8.91
C GLY B 68 18.14 21.61 7.68
N THR B 69 19.19 21.18 6.96
CA THR B 69 19.10 20.35 5.74
C THR B 69 19.69 18.95 5.97
N GLY B 70 20.17 18.67 7.18
CA GLY B 70 20.76 17.40 7.58
C GLY B 70 19.82 16.19 7.58
N TRP B 71 18.52 16.41 7.87
CA TRP B 71 17.55 15.31 7.84
C TRP B 71 16.97 15.18 6.44
N SER B 72 17.06 13.99 5.83
CA SER B 72 16.53 13.72 4.48
C SER B 72 14.98 13.70 4.50
N GLY B 73 14.43 13.23 5.62
CA GLY B 73 13.01 13.12 5.87
C GLY B 73 12.75 12.84 7.33
N ARG B 74 11.46 12.74 7.70
CA ARG B 74 11.06 12.51 9.09
C ARG B 74 9.88 11.56 9.18
N TYR B 75 9.59 11.02 10.37
CA TYR B 75 8.41 10.19 10.60
C TYR B 75 7.15 11.00 10.30
N ALA B 76 7.10 12.28 10.76
CA ALA B 76 5.97 13.19 10.62
C ALA B 76 5.53 13.36 9.16
N THR B 77 6.48 13.45 8.21
CA THR B 77 6.15 13.63 6.79
C THR B 77 6.14 12.27 6.05
N TYR B 78 6.22 11.16 6.80
CA TYR B 78 6.10 9.78 6.29
C TYR B 78 7.22 9.35 5.37
N ASN B 79 8.38 10.00 5.47
CA ASN B 79 9.55 9.62 4.67
C ASN B 79 10.81 9.52 5.57
N PRO B 80 10.80 8.78 6.73
CA PRO B 80 12.03 8.68 7.53
C PRO B 80 13.09 7.88 6.78
N SER B 81 14.36 8.08 7.12
CA SER B 81 15.45 7.33 6.48
C SER B 81 15.43 5.88 6.97
N ASP B 82 16.18 4.98 6.31
CA ASP B 82 16.29 3.60 6.74
C ASP B 82 16.83 3.51 8.19
N ASP B 83 17.78 4.39 8.58
CA ASP B 83 18.32 4.46 9.95
C ASP B 83 17.26 4.82 10.97
N TRP B 84 16.36 5.77 10.65
CA TRP B 84 15.27 6.17 11.55
C TRP B 84 14.23 5.06 11.68
N LYS B 85 14.03 4.26 10.61
CA LYS B 85 13.05 3.18 10.62
C LYS B 85 13.53 1.97 11.43
N LYS B 86 14.84 1.88 11.71
CA LYS B 86 15.42 0.78 12.48
C LYS B 86 15.28 0.98 14.01
N ILE B 87 15.47 2.23 14.47
CA ILE B 87 15.47 2.64 15.89
CA ILE B 87 15.49 2.59 15.90
C ILE B 87 14.22 2.17 16.67
N PRO B 88 12.93 2.44 16.26
CA PRO B 88 11.79 2.03 17.12
C PRO B 88 11.52 0.52 17.20
N PHE B 89 12.31 -0.30 16.47
CA PHE B 89 12.15 -1.75 16.50
C PHE B 89 13.34 -2.37 17.18
N ASN B 90 14.48 -2.40 16.49
CA ASN B 90 15.76 -3.01 16.89
C ASN B 90 16.31 -2.50 18.19
N ASP B 91 16.27 -1.18 18.43
CA ASP B 91 16.87 -0.61 19.64
C ASP B 91 16.12 -1.01 20.90
N PHE B 92 14.81 -1.26 20.85
CA PHE B 92 14.13 -1.77 22.05
C PHE B 92 14.61 -3.19 22.42
N TYR B 93 14.81 -4.06 21.41
CA TYR B 93 15.29 -5.43 21.62
C TYR B 93 16.74 -5.46 22.13
N SER B 94 17.62 -4.66 21.50
CA SER B 94 19.04 -4.66 21.89
C SER B 94 19.27 -3.97 23.26
N LYS B 95 18.40 -3.05 23.69
CA LYS B 95 18.52 -2.39 25.00
C LYS B 95 17.78 -3.15 26.11
N PHE B 96 16.68 -3.87 25.79
CA PHE B 96 15.90 -4.55 26.83
C PHE B 96 16.36 -6.00 27.13
N TYR B 97 16.40 -6.86 26.10
CA TYR B 97 16.57 -8.29 26.27
C TYR B 97 17.91 -8.78 26.87
N PRO B 98 19.12 -8.25 26.55
CA PRO B 98 20.32 -8.77 27.23
C PRO B 98 20.22 -8.63 28.77
N ASP B 99 19.74 -7.48 29.29
CA ASP B 99 19.56 -7.28 30.74
C ASP B 99 18.46 -8.15 31.32
N TYR B 100 17.34 -8.31 30.57
CA TYR B 100 16.19 -9.12 30.98
C TYR B 100 16.64 -10.59 31.18
N PHE B 101 17.35 -11.16 30.20
CA PHE B 101 17.83 -12.54 30.29
C PHE B 101 18.88 -12.68 31.40
N ASN B 102 19.71 -11.65 31.59
CA ASN B 102 20.74 -11.66 32.62
C ASN B 102 20.12 -11.65 34.03
N LEU B 103 19.11 -10.77 34.27
CA LEU B 103 18.38 -10.68 35.54
C LEU B 103 17.74 -12.02 35.92
N LYS B 104 17.15 -12.75 34.95
CA LYS B 104 16.54 -14.06 35.14
C LYS B 104 17.60 -15.11 35.56
N ASN B 105 18.87 -14.94 35.12
CA ASN B 105 20.00 -15.82 35.48
C ASN B 105 20.64 -15.39 36.81
N GLN B 106 20.44 -14.13 37.22
CA GLN B 106 21.02 -13.57 38.44
C GLN B 106 20.11 -13.67 39.67
N SER B 107 18.76 -13.76 39.48
CA SER B 107 17.82 -13.76 40.59
C SER B 107 16.75 -14.84 40.47
N ASP B 108 16.31 -15.33 41.64
CA ASP B 108 15.24 -16.32 41.82
C ASP B 108 14.08 -15.68 42.59
N ASP B 109 14.24 -14.39 43.00
CA ASP B 109 13.28 -13.61 43.76
C ASP B 109 12.04 -13.32 42.91
N GLU B 110 10.91 -13.90 43.33
CA GLU B 110 9.59 -13.82 42.70
C GLU B 110 9.15 -12.38 42.45
N LEU B 111 9.46 -11.46 43.38
CA LEU B 111 9.06 -10.06 43.25
C LEU B 111 9.84 -9.37 42.12
N PHE B 112 11.16 -9.59 42.04
CA PHE B 112 12.02 -8.97 41.04
C PHE B 112 11.79 -9.55 39.65
N LEU B 113 11.43 -10.85 39.57
CA LEU B 113 11.13 -11.50 38.30
C LEU B 113 9.78 -11.05 37.78
N SER B 114 8.84 -10.76 38.70
CA SER B 114 7.50 -10.27 38.37
C SER B 114 7.58 -8.83 37.86
N LEU B 115 8.42 -8.01 38.50
CA LEU B 115 8.63 -6.62 38.08
C LEU B 115 9.33 -6.59 36.72
N ALA B 116 10.36 -7.44 36.50
CA ALA B 116 11.08 -7.55 35.23
C ALA B 116 10.09 -7.89 34.09
N GLU B 117 9.16 -8.83 34.34
CA GLU B 117 8.12 -9.22 33.39
C GLU B 117 7.12 -8.09 33.16
N LEU B 118 6.76 -7.33 34.21
CA LEU B 118 5.87 -6.16 34.11
C LEU B 118 6.48 -5.12 33.15
N TYR B 119 7.80 -4.82 33.29
CA TYR B 119 8.53 -3.87 32.45
C TYR B 119 8.55 -4.36 31.02
N ARG B 120 8.78 -5.69 30.82
CA ARG B 120 8.77 -6.33 29.51
C ARG B 120 7.41 -6.13 28.81
N ILE B 121 6.30 -6.36 29.53
CA ILE B 121 4.96 -6.14 29.01
C ILE B 121 4.78 -4.67 28.54
N VAL B 122 5.09 -3.68 29.40
CA VAL B 122 4.93 -2.24 29.08
C VAL B 122 5.82 -1.85 27.87
N VAL B 123 7.13 -2.28 27.86
CA VAL B 123 8.08 -1.98 26.78
C VAL B 123 7.60 -2.61 25.46
N MSE B 124 7.31 -3.91 25.47
CA MSE B 124 6.91 -4.62 24.27
C MSE B 124 5.48 -4.28 23.85
O MSE B 124 5.15 -4.46 22.68
CB MSE B 124 7.18 -6.12 24.42
CG MSE B 124 8.68 -6.42 24.58
SE MSE B 124 9.75 -5.76 23.08
CE MSE B 124 11.46 -5.31 23.97
N LEU B 125 4.67 -3.71 24.78
CA LEU B 125 3.34 -3.16 24.45
C LEU B 125 3.52 -1.96 23.47
N ARG B 126 4.54 -1.11 23.68
CA ARG B 126 4.87 0.00 22.79
C ARG B 126 5.24 -0.52 21.40
N VAL B 127 6.06 -1.56 21.37
CA VAL B 127 6.58 -2.16 20.15
C VAL B 127 5.45 -2.86 19.34
N THR B 128 4.60 -3.70 19.99
CA THR B 128 3.50 -4.31 19.24
C THR B 128 2.49 -3.24 18.80
N ASP B 129 2.30 -2.20 19.62
CA ASP B 129 1.39 -1.10 19.25
C ASP B 129 1.98 -0.25 18.10
N THR B 130 3.29 -0.38 17.82
CA THR B 130 3.93 0.33 16.70
C THR B 130 3.88 -0.53 15.42
N TYR B 131 4.10 -1.86 15.53
CA TYR B 131 4.29 -2.75 14.40
C TYR B 131 3.22 -3.78 14.10
N GLY B 132 2.52 -4.27 15.12
CA GLY B 132 1.55 -5.34 14.98
C GLY B 132 2.24 -6.64 15.41
N PRO B 133 2.31 -7.68 14.54
CA PRO B 133 3.08 -8.90 14.92
C PRO B 133 4.55 -8.57 15.26
N ILE B 134 5.10 -9.18 16.33
CA ILE B 134 6.47 -8.92 16.77
C ILE B 134 7.08 -10.19 17.37
N PRO B 135 8.43 -10.34 17.40
CA PRO B 135 8.99 -11.48 18.17
C PRO B 135 8.73 -11.23 19.66
N TYR B 136 8.05 -12.20 20.33
CA TYR B 136 7.72 -12.06 21.75
C TYR B 136 7.91 -13.41 22.51
N SER B 137 6.96 -14.35 22.38
CA SER B 137 7.04 -15.64 23.10
C SER B 137 8.21 -16.53 22.63
N LYS B 138 8.74 -16.31 21.42
CA LYS B 138 9.83 -17.15 20.92
C LYS B 138 11.17 -16.41 20.82
N VAL B 139 11.39 -15.36 21.66
CA VAL B 139 12.66 -14.61 21.63
C VAL B 139 13.78 -15.48 22.20
N GLY B 140 14.87 -15.57 21.45
CA GLY B 140 16.05 -16.31 21.86
C GLY B 140 16.96 -15.45 22.72
N ALA B 141 17.75 -16.10 23.59
CA ALA B 141 18.69 -15.40 24.46
C ALA B 141 19.89 -14.87 23.66
N ALA B 142 20.19 -15.48 22.50
CA ALA B 142 21.32 -15.12 21.62
C ALA B 142 21.08 -13.79 20.89
N ASN B 143 20.01 -13.71 20.06
CA ASN B 143 19.64 -12.51 19.28
C ASN B 143 18.11 -12.43 19.26
N ALA B 144 17.55 -11.83 20.32
CA ALA B 144 16.13 -11.69 20.60
C ALA B 144 15.25 -11.38 19.37
N ILE B 145 15.59 -10.36 18.57
CA ILE B 145 14.81 -9.91 17.39
C ILE B 145 14.84 -10.90 16.21
N LYS B 146 15.91 -11.73 16.06
CA LYS B 146 16.07 -12.72 14.98
C LYS B 146 15.34 -14.03 15.39
N SER B 147 14.02 -13.91 15.55
CA SER B 147 13.14 -14.98 16.02
C SER B 147 11.79 -14.96 15.27
N PRO B 148 10.97 -16.06 15.33
CA PRO B 148 9.61 -16.00 14.75
C PRO B 148 8.74 -14.93 15.46
N TYR B 149 7.83 -14.30 14.71
CA TYR B 149 6.93 -13.26 15.19
C TYR B 149 5.58 -13.83 15.62
N ASP B 150 5.10 -13.38 16.77
CA ASP B 150 3.77 -13.73 17.26
C ASP B 150 2.78 -12.77 16.65
N SER B 151 1.55 -13.22 16.46
CA SER B 151 0.48 -12.34 16.03
C SER B 151 0.25 -11.30 17.14
N GLN B 152 -0.27 -10.11 16.80
CA GLN B 152 -0.52 -9.13 17.87
C GLN B 152 -1.51 -9.73 18.92
N GLN B 153 -2.51 -10.50 18.46
CA GLN B 153 -3.46 -11.17 19.35
C GLN B 153 -2.77 -12.11 20.33
N ALA B 154 -1.81 -12.93 19.84
CA ALA B 154 -1.03 -13.84 20.67
C ALA B 154 -0.14 -13.05 21.66
N VAL B 155 0.38 -11.88 21.25
CA VAL B 155 1.20 -11.02 22.12
C VAL B 155 0.32 -10.48 23.27
N TYR B 156 -0.86 -9.91 22.95
CA TYR B 156 -1.81 -9.37 23.94
C TYR B 156 -2.30 -10.50 24.88
N ALA B 157 -2.63 -11.68 24.34
CA ALA B 157 -3.11 -12.80 25.15
C ALA B 157 -2.05 -13.28 26.14
N LYS B 158 -0.79 -13.42 25.69
CA LYS B 158 0.30 -13.84 26.57
C LYS B 158 0.56 -12.76 27.66
N MSE B 159 0.64 -11.49 27.25
CA MSE B 159 0.85 -10.37 28.16
C MSE B 159 -0.22 -10.28 29.23
O MSE B 159 0.10 -10.13 30.42
CB MSE B 159 0.87 -9.02 27.39
CG MSE B 159 2.14 -8.76 26.61
SE MSE B 159 1.94 -7.07 25.60
CE MSE B 159 3.75 -7.00 25.07
N LEU B 160 -1.50 -10.40 28.84
CA LEU B 160 -2.63 -10.29 29.77
C LEU B 160 -2.64 -11.46 30.77
N GLU B 161 -2.29 -12.65 30.30
CA GLU B 161 -2.20 -13.84 31.13
C GLU B 161 -1.04 -13.72 32.13
N ASP B 162 0.13 -13.25 31.66
CA ASP B 162 1.29 -13.06 32.53
C ASP B 162 1.02 -11.92 33.53
N LEU B 163 0.32 -10.86 33.09
CA LEU B 163 -0.04 -9.73 33.95
C LEU B 163 -0.94 -10.19 35.13
N ASP B 164 -1.89 -11.13 34.89
CA ASP B 164 -2.72 -11.72 35.94
C ASP B 164 -1.86 -12.40 37.03
N ASN B 165 -0.79 -13.08 36.63
CA ASN B 165 0.13 -13.73 37.57
C ASN B 165 0.98 -12.72 38.31
N ILE B 166 1.40 -11.62 37.64
CA ILE B 166 2.19 -10.53 38.23
C ILE B 166 1.32 -9.83 39.29
N ILE B 167 0.04 -9.57 38.96
CA ILE B 167 -0.92 -8.93 39.89
C ILE B 167 -1.06 -9.79 41.18
N THR B 168 -1.16 -11.14 41.04
CA THR B 168 -1.26 -12.11 42.15
C THR B 168 0.01 -12.01 43.03
N VAL B 169 1.20 -11.98 42.41
CA VAL B 169 2.48 -11.89 43.14
C VAL B 169 2.56 -10.55 43.89
N LEU B 170 2.24 -9.43 43.23
CA LEU B 170 2.31 -8.11 43.86
C LEU B 170 1.32 -7.96 45.02
N GLY B 171 0.14 -8.59 44.89
CA GLY B 171 -0.91 -8.62 45.90
C GLY B 171 -0.51 -9.30 47.19
N LYS B 172 0.16 -10.49 47.08
CA LYS B 172 0.60 -11.26 48.24
C LYS B 172 1.72 -10.52 49.02
N PHE B 173 2.55 -9.69 48.34
CA PHE B 173 3.58 -8.89 49.04
C PHE B 173 2.92 -7.72 49.80
N GLY B 174 1.68 -7.39 49.42
CA GLY B 174 0.86 -6.37 50.07
C GLY B 174 1.55 -5.07 50.45
N ASN B 175 1.73 -4.85 51.75
CA ASN B 175 2.32 -3.62 52.27
C ASN B 175 3.82 -3.75 52.55
N GLN B 176 4.43 -4.88 52.15
CA GLN B 176 5.87 -5.11 52.17
C GLN B 176 6.52 -4.23 51.09
N SER B 177 7.74 -3.76 51.35
CA SER B 177 8.44 -2.95 50.37
C SER B 177 9.77 -3.59 50.01
N PHE B 178 10.30 -3.28 48.82
CA PHE B 178 11.59 -3.77 48.35
C PHE B 178 12.53 -2.58 48.33
N SER B 179 13.82 -2.80 48.01
CA SER B 179 14.87 -1.78 48.02
C SER B 179 14.53 -0.60 47.10
N SER B 180 14.46 0.60 47.70
CA SER B 180 14.12 1.84 47.01
C SER B 180 15.14 2.21 45.92
N SER B 181 16.39 1.75 46.05
CA SER B 181 17.44 2.03 45.06
C SER B 181 17.20 1.28 43.72
N ALA B 182 16.34 0.22 43.70
CA ALA B 182 16.01 -0.52 42.47
C ALA B 182 14.76 0.04 41.79
N ASP B 183 14.15 1.09 42.36
CA ASP B 183 12.90 1.63 41.81
C ASP B 183 12.88 3.15 41.88
N ARG B 184 13.05 3.79 40.72
CA ARG B 184 13.05 5.25 40.64
C ARG B 184 11.65 5.81 40.37
N ILE B 185 10.60 4.94 40.44
CA ILE B 185 9.21 5.34 40.19
C ILE B 185 8.40 5.35 41.50
N TYR B 186 8.39 4.23 42.24
CA TYR B 186 7.59 4.12 43.48
C TYR B 186 8.44 3.87 44.72
N ASN B 187 9.78 3.87 44.55
CA ASN B 187 10.76 3.71 45.62
C ASN B 187 10.53 2.42 46.46
N GLY B 188 10.28 1.31 45.79
CA GLY B 188 10.10 0.02 46.43
C GLY B 188 8.74 -0.23 47.04
N ASN B 189 7.77 0.68 46.84
CA ASN B 189 6.39 0.51 47.35
C ASN B 189 5.62 -0.47 46.45
N THR B 190 5.60 -1.76 46.83
CA THR B 190 4.94 -2.87 46.10
C THR B 190 3.44 -2.62 45.85
N SER B 191 2.73 -2.01 46.81
CA SER B 191 1.28 -1.73 46.70
C SER B 191 1.01 -0.72 45.59
N ALA B 192 1.95 0.21 45.35
CA ALA B 192 1.86 1.20 44.25
C ALA B 192 2.02 0.48 42.89
N TRP B 193 2.85 -0.59 42.82
CA TRP B 193 3.06 -1.42 41.64
C TRP B 193 1.86 -2.31 41.35
N TYR B 194 1.14 -2.73 42.43
CA TYR B 194 -0.10 -3.49 42.36
C TYR B 194 -1.15 -2.67 41.63
N LYS B 195 -1.28 -1.37 42.02
CA LYS B 195 -2.24 -0.44 41.38
C LYS B 195 -1.85 -0.17 39.93
N PHE B 196 -0.53 -0.03 39.64
CA PHE B 196 0.01 0.18 38.29
C PHE B 196 -0.36 -1.01 37.40
N ALA B 197 -0.09 -2.26 37.87
CA ALA B 197 -0.35 -3.51 37.13
C ALA B 197 -1.85 -3.67 36.81
N ASN B 198 -2.75 -3.39 37.76
CA ASN B 198 -4.20 -3.44 37.46
C ASN B 198 -4.62 -2.31 36.49
N SER B 199 -3.99 -1.14 36.59
CA SER B 199 -4.18 0.01 35.68
C SER B 199 -3.77 -0.37 34.25
N LEU B 200 -2.64 -1.11 34.11
CA LEU B 200 -2.15 -1.60 32.82
C LEU B 200 -3.14 -2.61 32.23
N LYS B 201 -3.67 -3.50 33.09
CA LYS B 201 -4.66 -4.50 32.72
C LYS B 201 -5.90 -3.82 32.15
N LEU B 202 -6.35 -2.72 32.81
CA LEU B 202 -7.52 -1.95 32.37
C LEU B 202 -7.23 -1.30 30.99
N ARG B 203 -6.03 -0.71 30.79
CA ARG B 203 -5.59 -0.09 29.55
C ARG B 203 -5.62 -1.09 28.39
N MSE B 204 -5.15 -2.33 28.65
CA MSE B 204 -5.07 -3.37 27.62
C MSE B 204 -6.43 -3.99 27.33
O MSE B 204 -6.69 -4.33 26.18
CB MSE B 204 -4.05 -4.43 28.00
CG MSE B 204 -2.63 -3.87 28.02
SE MSE B 204 -1.39 -5.30 28.42
CE MSE B 204 -1.68 -6.39 26.81
N ALA B 205 -7.33 -4.06 28.33
CA ALA B 205 -8.70 -4.54 28.11
C ALA B 205 -9.43 -3.58 27.19
N MSE B 206 -9.29 -2.28 27.46
CA MSE B 206 -9.97 -1.25 26.67
C MSE B 206 -9.45 -1.22 25.25
O MSE B 206 -10.19 -0.92 24.33
CB MSE B 206 -9.76 0.13 27.33
CG MSE B 206 -10.83 1.16 26.95
SE MSE B 206 -12.62 0.60 27.54
CE MSE B 206 -12.23 0.46 29.48
N ARG B 207 -8.13 -1.49 25.08
CA ARG B 207 -7.47 -1.52 23.79
C ARG B 207 -8.11 -2.52 22.83
N THR B 208 -8.56 -3.67 23.38
CA THR B 208 -9.15 -4.78 22.62
C THR B 208 -10.71 -4.74 22.52
N CYS B 209 -11.34 -3.64 22.98
CA CYS B 209 -12.81 -3.57 23.03
C CYS B 209 -13.46 -3.66 21.63
N TYR B 210 -12.72 -3.40 20.50
CA TYR B 210 -13.34 -3.48 19.17
C TYR B 210 -13.19 -4.83 18.52
N VAL B 211 -12.32 -5.69 19.08
CA VAL B 211 -12.08 -7.03 18.53
C VAL B 211 -13.24 -7.96 18.90
N ALA B 212 -14.06 -8.34 17.90
CA ALA B 212 -15.21 -9.23 18.12
C ALA B 212 -14.76 -10.62 18.63
N GLY B 213 -15.35 -11.04 19.75
CA GLY B 213 -15.10 -12.32 20.40
C GLY B 213 -13.78 -12.46 21.13
N PHE B 214 -13.01 -11.37 21.26
CA PHE B 214 -11.73 -11.48 21.98
C PHE B 214 -11.92 -11.94 23.44
N ASN B 215 -11.11 -12.92 23.84
CA ASN B 215 -11.04 -13.38 25.20
C ASN B 215 -9.67 -13.99 25.49
N VAL B 216 -9.26 -13.95 26.77
CA VAL B 216 -8.02 -14.54 27.28
C VAL B 216 -8.47 -15.54 28.32
N ASN B 217 -8.40 -16.85 27.99
CA ASN B 217 -8.84 -17.94 28.87
C ASN B 217 -10.32 -17.75 29.30
N GLY B 218 -11.16 -17.36 28.34
CA GLY B 218 -12.57 -17.12 28.59
C GLY B 218 -12.94 -15.74 29.09
N LYS B 219 -11.94 -14.91 29.46
CA LYS B 219 -12.15 -13.55 29.96
C LYS B 219 -12.20 -12.56 28.81
N THR B 220 -13.35 -11.90 28.64
CA THR B 220 -13.55 -10.89 27.60
C THR B 220 -12.91 -9.56 28.00
N SER B 221 -12.87 -8.57 27.07
CA SER B 221 -12.34 -7.24 27.39
C SER B 221 -13.12 -6.67 28.57
N GLN B 222 -14.47 -6.80 28.56
CA GLN B 222 -15.31 -6.31 29.66
C GLN B 222 -14.87 -6.90 31.01
N GLN B 223 -14.71 -8.21 31.04
CA GLN B 223 -14.38 -8.96 32.25
C GLN B 223 -12.98 -8.59 32.79
N LEU B 224 -11.98 -8.47 31.89
CA LEU B 224 -10.62 -8.08 32.28
C LEU B 224 -10.63 -6.68 32.93
N ALA B 225 -11.38 -5.75 32.34
CA ALA B 225 -11.52 -4.38 32.78
C ALA B 225 -12.20 -4.33 34.16
N GLU B 226 -13.32 -5.05 34.33
CA GLU B 226 -14.07 -5.13 35.59
C GLU B 226 -13.23 -5.74 36.71
N GLU B 227 -12.43 -6.79 36.40
CA GLU B 227 -11.54 -7.44 37.38
C GLU B 227 -10.46 -6.47 37.88
N ALA B 228 -9.83 -5.72 36.95
CA ALA B 228 -8.77 -4.76 37.23
C ALA B 228 -9.28 -3.66 38.21
N VAL B 229 -10.46 -3.12 37.94
CA VAL B 229 -11.08 -2.07 38.75
C VAL B 229 -11.46 -2.61 40.11
N ALA B 230 -12.01 -3.86 40.16
CA ALA B 230 -12.39 -4.49 41.42
C ALA B 230 -11.16 -4.78 42.30
N ALA B 231 -10.03 -5.16 41.68
CA ALA B 231 -8.80 -5.48 42.42
C ALA B 231 -8.11 -4.21 42.95
N GLY B 232 -8.10 -3.13 42.18
CA GLY B 232 -7.49 -1.88 42.65
C GLY B 232 -6.56 -1.22 41.65
N VAL B 233 -7.06 -0.14 41.02
CA VAL B 233 -6.30 0.64 40.04
C VAL B 233 -5.82 1.94 40.73
N MSE B 234 -5.10 2.81 39.98
CA MSE B 234 -4.69 4.14 40.46
C MSE B 234 -5.93 5.00 40.66
O MSE B 234 -6.76 5.05 39.75
CB MSE B 234 -3.78 4.82 39.42
CG MSE B 234 -2.43 4.17 39.24
SE MSE B 234 -1.64 5.03 37.69
CE MSE B 234 -0.10 3.96 37.55
N THR B 235 -6.10 5.65 41.83
CA THR B 235 -7.30 6.50 42.06
C THR B 235 -6.90 7.93 42.50
N ALA B 236 -5.66 8.13 42.94
CA ALA B 236 -5.20 9.45 43.39
C ALA B 236 -4.05 9.89 42.48
N ALA B 237 -3.88 11.21 42.31
CA ALA B 237 -2.79 11.79 41.50
C ALA B 237 -1.42 11.22 41.89
N THR B 238 -1.20 10.98 43.21
CA THR B 238 0.06 10.44 43.74
C THR B 238 0.24 8.93 43.45
N ASP B 239 -0.78 8.24 42.89
CA ASP B 239 -0.66 6.84 42.48
C ASP B 239 0.03 6.74 41.11
N GLY B 240 0.05 7.84 40.36
CA GLY B 240 0.66 7.93 39.04
C GLY B 240 2.12 7.56 39.03
N ALA B 241 2.58 7.01 37.88
CA ALA B 241 3.97 6.57 37.73
C ALA B 241 4.80 7.66 37.02
N TYR B 242 5.76 8.22 37.76
CA TYR B 242 6.68 9.29 37.34
C TYR B 242 8.07 8.87 37.72
N ARG B 243 8.98 8.76 36.75
CA ARG B 243 10.33 8.31 37.04
C ARG B 243 11.26 9.46 37.32
N LYS B 244 11.99 9.37 38.43
CA LYS B 244 13.01 10.32 38.80
C LYS B 244 14.20 10.05 37.84
N VAL B 245 14.56 11.07 37.04
CA VAL B 245 15.62 10.92 36.03
C VAL B 245 16.96 10.57 36.68
N ALA B 246 17.75 9.75 35.97
CA ALA B 246 19.08 9.35 36.44
C ALA B 246 20.06 10.49 36.16
N ASP B 247 19.91 11.17 35.01
CA ASP B 247 20.78 12.28 34.63
C ASP B 247 19.97 13.53 34.23
N HIS B 248 19.17 13.47 33.16
CA HIS B 248 18.37 14.61 32.76
C HIS B 248 17.14 14.20 31.95
N ASN B 249 16.09 15.04 32.00
CA ASN B 249 14.88 14.84 31.19
C ASN B 249 15.24 15.19 29.72
N PRO B 250 15.08 14.23 28.78
CA PRO B 250 15.50 14.46 27.38
C PRO B 250 14.70 15.56 26.67
N TRP B 251 13.46 15.86 27.11
CA TRP B 251 12.62 16.91 26.53
C TRP B 251 13.25 18.29 26.66
N GLN B 252 14.06 18.51 27.70
CA GLN B 252 14.77 19.76 27.90
C GLN B 252 15.75 19.98 26.72
N ARG B 253 16.33 18.90 26.21
CA ARG B 253 17.20 18.94 25.03
C ARG B 253 16.39 19.23 23.77
N PHE B 254 15.36 18.41 23.49
CA PHE B 254 14.55 18.53 22.27
C PHE B 254 13.88 19.89 22.13
N MSE B 255 13.28 20.37 23.20
CA MSE B 255 12.54 21.62 23.22
C MSE B 255 13.42 22.86 23.50
O MSE B 255 13.51 23.76 22.68
CB MSE B 255 11.41 21.51 24.27
CG MSE B 255 10.35 20.44 23.94
SE MSE B 255 8.99 21.19 22.77
CE MSE B 255 7.69 19.70 22.56
N VAL B 256 14.03 22.91 24.68
CA VAL B 256 14.70 24.12 25.12
C VAL B 256 16.13 24.28 24.53
N LEU B 257 17.04 23.31 24.80
CA LEU B 257 18.41 23.44 24.34
C LEU B 257 18.58 23.39 22.81
N TRP B 258 18.09 22.34 22.14
CA TRP B 258 18.32 22.20 20.69
C TRP B 258 17.28 22.89 19.84
N SER B 259 16.04 23.09 20.38
CA SER B 259 14.92 23.69 19.62
C SER B 259 14.58 22.86 18.35
N ASP B 260 14.75 21.52 18.45
CA ASP B 260 14.40 20.56 17.39
C ASP B 260 12.91 20.31 17.38
N ALA B 261 12.23 20.61 18.52
CA ALA B 261 10.79 20.38 18.72
C ALA B 261 10.08 21.61 19.29
N ARG B 262 8.80 21.76 18.91
CA ARG B 262 7.93 22.79 19.43
C ARG B 262 6.59 22.16 19.73
N ILE B 263 5.73 22.86 20.49
CA ILE B 263 4.36 22.37 20.75
C ILE B 263 3.60 22.39 19.43
N SER B 264 2.73 21.39 19.19
CA SER B 264 1.91 21.33 17.99
C SER B 264 0.82 22.40 17.99
N ALA B 265 0.41 22.76 16.78
CA ALA B 265 -0.69 23.71 16.54
C ALA B 265 -2.03 23.10 17.06
N ASP B 266 -2.18 21.78 16.98
CA ASP B 266 -3.38 21.03 17.45
C ASP B 266 -3.61 21.21 18.95
N LEU B 267 -2.57 21.03 19.76
CA LEU B 267 -2.63 21.14 21.21
C LEU B 267 -3.00 22.55 21.65
N THR B 268 -2.44 23.61 21.02
CA THR B 268 -2.82 24.98 21.39
C THR B 268 -4.23 25.30 20.85
N CYS B 269 -4.68 24.71 19.72
CA CYS B 269 -6.03 24.94 19.20
C CYS B 269 -7.10 24.49 20.22
N TYR B 270 -6.97 23.28 20.79
CA TYR B 270 -7.91 22.75 21.76
C TYR B 270 -7.85 23.52 23.07
N MSE B 271 -6.65 23.70 23.62
CA MSE B 271 -6.42 24.31 24.92
C MSE B 271 -6.69 25.80 24.92
O MSE B 271 -7.13 26.33 25.94
CB MSE B 271 -5.03 23.92 25.44
CG MSE B 271 -4.87 22.40 25.58
SE MSE B 271 -3.12 21.89 26.25
CE MSE B 271 -3.22 22.54 28.06
N ASN B 272 -6.59 26.47 23.78
CA ASN B 272 -7.02 27.88 23.71
C ASN B 272 -8.52 27.97 23.67
N ALA B 273 -9.20 27.13 22.86
CA ALA B 273 -10.67 27.08 22.81
C ALA B 273 -11.25 26.86 24.23
N TYR B 274 -10.60 25.97 25.02
CA TYR B 274 -11.09 25.65 26.35
C TYR B 274 -10.55 26.56 27.44
N ASN B 275 -9.73 27.59 27.10
CA ASN B 275 -9.10 28.53 28.08
C ASN B 275 -8.46 27.72 29.19
N ASP B 276 -7.75 26.68 28.77
CA ASP B 276 -7.22 25.69 29.68
C ASP B 276 -6.10 26.21 30.58
N PRO B 277 -6.26 26.16 31.94
CA PRO B 277 -5.18 26.62 32.83
C PRO B 277 -3.96 25.69 32.85
N ARG B 278 -4.04 24.54 32.15
CA ARG B 278 -2.89 23.65 32.02
C ARG B 278 -1.97 24.17 30.90
N ARG B 279 -2.40 25.20 30.13
CA ARG B 279 -1.52 25.78 29.10
C ARG B 279 -0.23 26.29 29.76
N GLU B 280 -0.38 27.02 30.87
CA GLU B 280 0.72 27.57 31.69
C GLU B 280 1.58 26.42 32.31
N ALA B 281 0.94 25.30 32.68
CA ALA B 281 1.64 24.17 33.26
C ALA B 281 2.47 23.42 32.22
N TYR B 282 2.02 23.37 30.96
CA TYR B 282 2.70 22.58 29.93
C TYR B 282 3.74 23.31 29.13
N TYR B 283 3.42 24.55 28.71
CA TYR B 283 4.28 25.27 27.79
C TYR B 283 4.22 26.77 27.99
N ASP B 284 5.04 27.49 27.22
CA ASP B 284 5.14 28.94 27.27
C ASP B 284 4.49 29.60 26.08
N LYS B 285 4.27 30.90 26.19
CA LYS B 285 3.78 31.71 25.07
C LYS B 285 4.90 31.80 24.03
N SER B 286 4.52 32.12 22.80
CA SER B 286 5.41 32.27 21.66
C SER B 286 6.49 33.36 21.94
N THR B 287 7.64 33.26 21.25
CA THR B 287 8.76 34.20 21.41
C THR B 287 9.19 34.69 20.02
N PHE B 288 8.21 35.02 19.15
CA PHE B 288 8.45 35.48 17.78
C PHE B 288 9.27 36.79 17.75
N GLY B 289 9.03 37.68 18.72
CA GLY B 289 9.75 38.94 18.84
C GLY B 289 11.24 38.73 19.05
N THR B 290 11.60 37.74 19.88
CA THR B 290 12.99 37.37 20.17
C THR B 290 13.65 36.83 18.90
N VAL B 291 13.09 35.74 18.34
CA VAL B 291 13.57 35.05 17.13
CA VAL B 291 13.61 35.05 17.14
C VAL B 291 13.67 36.01 15.92
N SER B 292 12.71 36.96 15.78
CA SER B 292 12.64 37.89 14.67
C SER B 292 13.53 39.12 14.82
N GLY B 293 14.16 39.28 15.98
CA GLY B 293 14.95 40.46 16.29
C GLY B 293 14.05 41.69 16.34
N ASN B 294 12.80 41.49 16.80
CA ASN B 294 11.72 42.47 16.96
C ASN B 294 11.12 42.93 15.62
N ALA B 295 11.36 42.17 14.52
CA ALA B 295 10.75 42.47 13.22
C ALA B 295 9.28 41.97 13.20
N TYR B 296 8.92 41.03 14.10
CA TYR B 296 7.58 40.46 14.21
C TYR B 296 6.55 41.53 14.63
N THR B 297 5.45 41.68 13.86
CA THR B 297 4.43 42.72 14.06
C THR B 297 3.18 42.20 14.79
N GLY B 298 3.07 40.89 14.96
CA GLY B 298 1.92 40.31 15.63
C GLY B 298 2.02 40.36 17.15
N GLU B 299 1.22 39.53 17.81
CA GLU B 299 1.20 39.41 19.26
C GLU B 299 1.75 38.05 19.70
N GLU B 300 2.19 37.93 20.96
CA GLU B 300 2.64 36.66 21.53
C GLU B 300 1.44 35.99 22.19
N SER B 301 1.34 34.67 22.05
CA SER B 301 0.23 33.90 22.62
C SER B 301 0.62 32.46 22.75
N TYR B 302 -0.30 31.62 23.23
CA TYR B 302 -0.08 30.19 23.23
C TYR B 302 -0.40 29.71 21.83
N VAL B 303 0.65 29.40 21.04
CA VAL B 303 0.45 29.01 19.64
C VAL B 303 1.56 28.04 19.21
N GLY B 304 1.14 26.87 18.79
CA GLY B 304 2.04 25.82 18.37
C GLY B 304 2.41 25.92 16.91
N LEU B 305 3.28 25.02 16.48
CA LEU B 305 3.71 24.95 15.10
C LEU B 305 2.95 23.80 14.39
N ARG B 306 2.68 23.96 13.08
CA ARG B 306 2.02 22.94 12.29
C ARG B 306 2.88 21.67 12.23
N ARG B 307 2.28 20.50 12.46
CA ARG B 307 3.00 19.23 12.35
C ARG B 307 3.06 18.85 10.87
N GLY B 308 4.13 18.14 10.49
CA GLY B 308 4.31 17.66 9.13
C GLY B 308 4.79 18.68 8.12
N ILE B 309 5.49 19.75 8.58
CA ILE B 309 6.09 20.71 7.66
C ILE B 309 7.30 19.99 7.03
N LEU B 310 7.42 19.99 5.69
CA LEU B 310 8.52 19.31 5.02
C LEU B 310 9.84 19.95 5.40
N GLN B 311 10.86 19.11 5.63
CA GLN B 311 12.23 19.56 5.92
C GLN B 311 12.66 20.45 4.76
N GLY B 312 13.12 21.66 5.11
CA GLY B 312 13.56 22.69 4.19
C GLY B 312 12.48 23.67 3.78
N GLN B 313 11.26 23.53 4.33
CA GLN B 313 10.11 24.39 3.98
C GLN B 313 9.50 25.07 5.19
N TYR B 314 10.34 25.43 6.14
CA TYR B 314 9.94 26.13 7.36
C TYR B 314 10.10 27.61 7.21
N ASN B 315 9.20 28.38 7.83
CA ASN B 315 9.39 29.83 7.93
C ASN B 315 10.56 30.01 8.92
N SER B 316 11.49 30.94 8.66
CA SER B 316 12.69 31.12 9.49
C SER B 316 12.40 31.47 10.98
N TRP B 317 11.17 31.92 11.32
CA TRP B 317 10.85 32.29 12.69
C TRP B 317 10.06 31.21 13.43
N SER B 318 9.97 29.99 12.84
CA SER B 318 9.23 28.82 13.37
C SER B 318 9.58 28.43 14.82
N GLN B 319 10.83 28.66 15.28
CA GLN B 319 11.20 28.28 16.65
C GLN B 319 10.67 29.30 17.68
N GLY B 320 10.02 30.36 17.20
CA GLY B 320 9.31 31.32 18.04
C GLY B 320 8.00 30.76 18.54
N SER B 321 7.54 29.61 17.99
CA SER B 321 6.33 28.89 18.40
C SER B 321 6.44 28.46 19.85
N SER B 322 5.28 28.24 20.54
CA SER B 322 5.22 27.81 21.93
C SER B 322 6.11 26.59 22.16
N CYS B 323 6.89 26.65 23.24
CA CYS B 323 7.87 25.66 23.66
C CYS B 323 7.45 25.06 25.02
N MSE B 324 7.64 23.73 25.15
CA MSE B 324 7.35 23.02 26.40
C MSE B 324 8.13 23.67 27.55
O MSE B 324 9.25 24.15 27.36
CB MSE B 324 7.72 21.55 26.22
CG MSE B 324 7.33 20.64 27.38
SE MSE B 324 7.94 18.82 26.93
CE MSE B 324 7.68 17.91 28.62
N LYS B 325 7.48 23.77 28.70
CA LYS B 325 8.05 24.23 29.97
C LYS B 325 8.63 22.98 30.60
N VAL B 326 9.96 22.88 30.62
CA VAL B 326 10.66 21.68 31.09
C VAL B 326 12.09 22.03 31.54
N THR B 327 12.55 21.37 32.62
CA THR B 327 13.92 21.46 33.12
C THR B 327 14.55 20.06 33.07
N THR B 328 15.88 20.01 33.20
CA THR B 328 16.62 18.75 33.16
C THR B 328 16.23 17.81 34.31
N SER B 329 15.78 18.35 35.43
CA SER B 329 15.47 17.52 36.59
C SER B 329 14.00 17.05 36.65
N ASP B 330 13.15 17.51 35.71
CA ASP B 330 11.74 17.11 35.67
C ASP B 330 11.59 15.61 35.47
N ASN B 331 10.61 15.03 36.17
CA ASN B 331 10.34 13.59 36.11
C ASN B 331 9.82 13.19 34.74
N ILE B 332 10.12 11.96 34.38
CA ILE B 332 9.60 11.38 33.16
C ILE B 332 8.18 10.82 33.49
N VAL B 333 7.21 11.11 32.61
CA VAL B 333 5.81 10.73 32.83
C VAL B 333 5.64 9.31 32.26
N VAL B 334 5.34 8.33 33.11
CA VAL B 334 5.21 6.93 32.66
C VAL B 334 3.73 6.52 32.52
N PHE B 335 2.92 6.77 33.54
CA PHE B 335 1.51 6.36 33.57
C PHE B 335 0.73 7.21 34.58
N ARG B 336 -0.04 8.15 34.06
CA ARG B 336 -0.82 9.08 34.88
C ARG B 336 -2.07 8.45 35.43
N ALA B 337 -2.44 8.83 36.67
CA ALA B 337 -3.68 8.38 37.31
C ALA B 337 -4.89 8.96 36.57
N SER B 338 -4.77 10.18 35.98
CA SER B 338 -5.89 10.78 35.22
C SER B 338 -6.29 9.88 34.01
N GLU B 339 -5.31 9.17 33.38
CA GLU B 339 -5.54 8.22 32.30
C GLU B 339 -6.50 7.08 32.78
N VAL B 340 -6.25 6.56 34.00
CA VAL B 340 -7.06 5.49 34.61
C VAL B 340 -8.55 5.96 34.81
N ALA B 341 -8.75 7.20 35.26
CA ALA B 341 -10.10 7.76 35.40
C ALA B 341 -10.82 7.85 34.03
N PHE B 342 -10.10 8.26 32.97
CA PHE B 342 -10.66 8.36 31.61
C PHE B 342 -10.94 6.96 31.02
N LEU B 343 -10.15 5.95 31.37
CA LEU B 343 -10.42 4.56 30.99
C LEU B 343 -11.68 4.06 31.65
N ARG B 344 -11.87 4.41 32.94
CA ARG B 344 -13.04 4.02 33.70
C ARG B 344 -14.25 4.73 33.14
N ALA B 345 -14.10 6.01 32.68
CA ALA B 345 -15.20 6.77 32.05
C ALA B 345 -15.65 6.06 30.78
N GLU B 346 -14.69 5.58 29.97
CA GLU B 346 -14.97 4.89 28.72
C GLU B 346 -15.65 3.55 28.99
N GLY B 347 -15.14 2.78 29.96
CA GLY B 347 -15.74 1.51 30.34
C GLY B 347 -17.17 1.69 30.83
N ALA B 348 -17.42 2.77 31.61
CA ALA B 348 -18.77 3.07 32.11
C ALA B 348 -19.70 3.42 30.93
N LEU B 349 -19.16 4.14 29.91
CA LEU B 349 -19.87 4.48 28.67
C LEU B 349 -20.23 3.21 27.86
N ARG B 350 -19.35 2.18 27.92
CA ARG B 350 -19.53 0.88 27.26
C ARG B 350 -20.41 -0.04 28.11
N ASN B 351 -20.95 0.51 29.21
CA ASN B 351 -21.86 -0.20 30.10
C ASN B 351 -21.13 -1.36 30.86
N TRP B 352 -19.88 -1.13 31.23
CA TRP B 352 -19.11 -2.07 32.02
C TRP B 352 -19.16 -1.61 33.45
N ASN B 353 -18.96 -2.52 34.40
CA ASN B 353 -19.02 -2.16 35.81
C ASN B 353 -17.66 -1.55 36.28
N MSE B 354 -17.57 -0.20 36.18
CA MSE B 354 -16.36 0.57 36.52
C MSE B 354 -16.40 1.21 37.91
O MSE B 354 -15.41 1.82 38.32
CB MSE B 354 -16.16 1.66 35.45
CG MSE B 354 -15.91 1.07 34.07
SE MSE B 354 -14.16 0.16 33.81
CE MSE B 354 -14.69 -1.70 34.06
N GLY B 355 -17.49 1.04 38.62
CA GLY B 355 -17.70 1.60 39.96
C GLY B 355 -18.25 3.01 39.97
N GLY B 356 -18.97 3.42 38.94
CA GLY B 356 -19.55 4.77 38.83
C GLY B 356 -19.98 5.13 37.43
N THR B 357 -20.56 6.31 37.24
CA THR B 357 -21.03 6.77 35.91
C THR B 357 -19.90 7.31 35.05
N ALA B 358 -20.13 7.35 33.71
CA ALA B 358 -19.16 7.91 32.72
C ALA B 358 -18.88 9.38 33.07
N LYS B 359 -19.92 10.15 33.39
CA LYS B 359 -19.82 11.55 33.74
C LYS B 359 -18.93 11.76 35.00
N ASP B 360 -19.07 10.89 36.03
CA ASP B 360 -18.28 11.06 37.25
C ASP B 360 -16.82 10.78 37.01
N PHE B 361 -16.48 9.76 36.20
CA PHE B 361 -15.08 9.46 35.90
C PHE B 361 -14.46 10.46 34.94
N TYR B 362 -15.24 11.00 33.99
CA TYR B 362 -14.81 12.05 33.09
C TYR B 362 -14.36 13.29 33.88
N GLU B 363 -15.23 13.74 34.81
CA GLU B 363 -14.96 14.91 35.66
C GLU B 363 -13.82 14.62 36.64
N GLU B 364 -13.72 13.37 37.14
CA GLU B 364 -12.64 12.95 38.02
C GLU B 364 -11.30 12.97 37.26
N GLY B 365 -11.29 12.54 35.99
CA GLY B 365 -10.08 12.55 35.15
C GLY B 365 -9.53 13.95 34.97
N ILE B 366 -10.42 14.94 34.70
CA ILE B 366 -10.07 16.35 34.57
C ILE B 366 -9.53 16.88 35.91
N ARG B 367 -10.20 16.58 37.05
CA ARG B 367 -9.75 17.00 38.39
C ARG B 367 -8.38 16.42 38.72
N LEU B 368 -8.17 15.13 38.42
CA LEU B 368 -6.87 14.49 38.63
C LEU B 368 -5.78 15.15 37.79
N SER B 369 -6.09 15.53 36.52
CA SER B 369 -5.12 16.16 35.64
C SER B 369 -4.74 17.55 36.16
N PHE B 370 -5.73 18.32 36.68
CA PHE B 370 -5.48 19.62 37.29
C PHE B 370 -4.53 19.46 38.49
N GLU B 371 -4.81 18.50 39.38
CA GLU B 371 -3.99 18.16 40.54
C GLU B 371 -2.58 17.73 40.12
N GLU B 372 -2.45 16.89 39.09
CA GLU B 372 -1.16 16.44 38.53
C GLU B 372 -0.31 17.62 38.05
N ASN B 373 -0.96 18.71 37.59
CA ASN B 373 -0.30 19.89 37.02
C ASN B 373 -0.18 21.05 37.99
N GLY B 374 -0.51 20.79 39.26
CA GLY B 374 -0.44 21.78 40.35
C GLY B 374 -1.46 22.88 40.24
N ILE B 375 -2.58 22.67 39.50
CA ILE B 375 -3.61 23.70 39.38
C ILE B 375 -4.59 23.53 40.53
N THR B 376 -4.65 24.55 41.41
CA THR B 376 -5.40 24.54 42.68
C THR B 376 -6.76 25.22 42.57
N SER B 377 -7.01 26.00 41.50
CA SER B 377 -8.31 26.64 41.33
C SER B 377 -8.79 26.61 39.85
N GLY B 378 -10.11 26.81 39.67
CA GLY B 378 -10.75 26.94 38.37
C GLY B 378 -11.23 25.68 37.68
N VAL B 379 -11.26 24.52 38.37
CA VAL B 379 -11.66 23.27 37.74
C VAL B 379 -13.17 23.30 37.45
N GLU B 380 -13.98 23.85 38.36
CA GLU B 380 -15.43 23.93 38.24
C GLU B 380 -15.83 24.81 37.05
N ASN B 381 -15.09 25.91 36.79
CA ASN B 381 -15.38 26.74 35.61
C ASN B 381 -14.94 26.02 34.35
N TYR B 382 -13.83 25.29 34.42
CA TYR B 382 -13.33 24.55 33.27
C TYR B 382 -14.35 23.45 32.87
N LEU B 383 -14.87 22.69 33.86
CA LEU B 383 -15.84 21.61 33.68
C LEU B 383 -17.13 22.08 33.02
N ALA B 384 -17.50 23.36 33.17
CA ALA B 384 -18.70 23.97 32.61
C ALA B 384 -18.43 24.67 31.25
N SER B 385 -17.19 24.69 30.81
CA SER B 385 -16.73 25.35 29.57
C SER B 385 -17.41 24.75 28.33
N THR B 386 -17.89 25.63 27.41
CA THR B 386 -18.52 25.24 26.14
C THR B 386 -17.80 25.90 24.92
N GLY B 387 -16.55 26.35 25.13
CA GLY B 387 -15.72 26.94 24.08
C GLY B 387 -15.50 25.94 22.97
N LYS B 388 -15.56 26.40 21.72
CA LYS B 388 -15.41 25.58 20.52
C LYS B 388 -14.07 25.81 19.83
N VAL B 389 -13.51 24.76 19.25
CA VAL B 389 -12.23 24.78 18.55
C VAL B 389 -12.33 25.59 17.29
N GLU B 390 -11.47 26.60 17.17
CA GLU B 390 -11.45 27.46 16.00
C GLU B 390 -10.31 27.08 15.07
N ALA B 391 -10.34 27.60 13.83
CA ALA B 391 -9.35 27.38 12.78
C ALA B 391 -7.95 27.78 13.24
N TYR B 392 -6.91 27.07 12.78
CA TYR B 392 -5.54 27.44 13.12
C TYR B 392 -5.07 28.54 12.15
N LYS B 393 -4.76 29.72 12.70
CA LYS B 393 -4.25 30.84 11.92
C LYS B 393 -2.75 30.90 12.13
N ASP B 394 -1.93 30.52 11.10
CA ASP B 394 -0.46 30.55 11.21
C ASP B 394 -0.01 31.99 11.63
N PRO B 395 0.59 32.18 12.85
CA PRO B 395 0.96 33.55 13.28
C PRO B 395 2.07 34.18 12.43
N LEU B 396 2.75 33.37 11.60
CA LEU B 396 3.83 33.88 10.75
C LEU B 396 3.36 34.28 9.35
N LYS B 397 2.07 34.01 9.01
CA LYS B 397 1.46 34.35 7.73
C LYS B 397 1.58 35.87 7.45
N GLY B 398 2.16 36.21 6.32
CA GLY B 398 2.37 37.60 5.91
C GLY B 398 3.50 38.35 6.58
N GLN B 399 4.23 37.70 7.53
CA GLN B 399 5.36 38.32 8.24
C GLN B 399 6.58 38.44 7.31
N SER B 400 7.51 39.31 7.69
CA SER B 400 8.72 39.63 6.93
C SER B 400 9.59 38.39 6.67
N ALA B 401 9.85 38.11 5.37
CA ALA B 401 10.67 36.99 4.86
C ALA B 401 10.08 35.61 5.20
N GLN B 402 8.83 35.58 5.75
CA GLN B 402 8.11 34.35 6.13
C GLN B 402 7.21 33.98 4.95
N THR B 403 7.71 33.12 4.04
CA THR B 403 7.14 32.70 2.76
C THR B 403 5.93 31.71 2.85
N TYR B 404 5.86 30.91 3.91
CA TYR B 404 4.84 29.87 4.05
C TYR B 404 3.67 30.25 4.95
N ASP B 405 2.53 29.60 4.71
CA ASP B 405 1.30 29.75 5.48
C ASP B 405 0.78 28.35 5.79
N TYR B 406 0.98 27.90 7.04
CA TYR B 406 0.58 26.56 7.45
C TYR B 406 -0.73 26.55 8.22
N SER B 407 -1.59 27.55 7.98
CA SER B 407 -2.94 27.64 8.54
C SER B 407 -3.76 26.41 8.12
N GLY B 408 -4.71 26.02 8.97
CA GLY B 408 -5.57 24.88 8.70
C GLY B 408 -6.72 24.87 9.69
N ALA B 409 -7.51 23.80 9.71
CA ALA B 409 -8.63 23.74 10.65
C ALA B 409 -8.89 22.35 11.13
N ILE B 410 -9.16 22.21 12.44
CA ILE B 410 -9.58 20.95 13.06
C ILE B 410 -11.11 20.92 12.94
N ASN B 411 -11.66 19.88 12.32
CA ASN B 411 -13.12 19.86 12.18
C ASN B 411 -13.73 19.04 13.31
N THR B 412 -14.13 19.73 14.38
CA THR B 412 -14.74 19.10 15.55
C THR B 412 -15.60 20.10 16.30
N ASN B 413 -16.65 19.60 16.95
CA ASN B 413 -17.53 20.42 17.80
C ASN B 413 -17.39 20.06 19.28
N VAL B 414 -16.42 19.16 19.61
CA VAL B 414 -16.15 18.68 20.96
C VAL B 414 -15.77 19.85 21.89
N THR B 415 -16.40 19.87 23.06
CA THR B 415 -16.12 20.85 24.09
C THR B 415 -16.00 20.10 25.43
N VAL B 416 -15.81 20.83 26.53
CA VAL B 416 -15.53 20.26 27.86
C VAL B 416 -16.83 19.80 28.56
N ALA B 417 -17.80 20.71 28.77
CA ALA B 417 -19.04 20.44 29.51
C ALA B 417 -19.67 19.11 29.05
N TRP B 418 -19.69 18.10 29.97
CA TRP B 418 -20.22 16.77 29.72
C TRP B 418 -21.66 16.86 29.22
N SER B 419 -21.92 16.36 28.01
CA SER B 419 -23.27 16.47 27.48
C SER B 419 -24.07 15.18 27.63
N GLY B 420 -23.38 14.05 27.75
CA GLY B 420 -24.04 12.75 27.82
C GLY B 420 -24.76 12.42 26.52
N GLY B 421 -25.59 11.39 26.55
CA GLY B 421 -26.34 10.96 25.37
C GLY B 421 -25.48 10.20 24.39
N ASP B 422 -25.48 10.66 23.12
CA ASP B 422 -24.83 10.02 21.97
C ASP B 422 -23.44 9.39 22.32
N PHE B 423 -23.30 8.08 22.08
CA PHE B 423 -22.08 7.32 22.40
C PHE B 423 -20.82 7.94 21.80
N GLU B 424 -20.77 8.15 20.46
CA GLU B 424 -19.57 8.67 19.79
C GLU B 424 -19.20 10.05 20.24
N LYS B 425 -20.18 10.93 20.46
CA LYS B 425 -19.91 12.28 20.92
C LYS B 425 -19.34 12.24 22.36
N SER B 426 -19.81 11.31 23.21
CA SER B 426 -19.31 11.16 24.59
C SER B 426 -17.91 10.58 24.59
N LEU B 427 -17.65 9.58 23.72
CA LEU B 427 -16.34 8.96 23.58
C LEU B 427 -15.34 10.02 23.11
N GLU B 428 -15.77 10.91 22.18
CA GLU B 428 -14.89 11.98 21.72
C GLU B 428 -14.51 12.92 22.89
N GLN B 429 -15.46 13.27 23.76
CA GLN B 429 -15.16 14.10 24.95
C GLN B 429 -14.15 13.38 25.87
N ILE B 430 -14.41 12.11 26.21
CA ILE B 430 -13.52 11.34 27.09
C ILE B 430 -12.07 11.28 26.53
N ILE B 431 -11.93 10.91 25.24
CA ILE B 431 -10.62 10.74 24.59
C ILE B 431 -9.91 12.08 24.38
N THR B 432 -10.64 13.16 24.07
CA THR B 432 -10.04 14.46 23.88
C THR B 432 -9.46 14.96 25.21
N GLN B 433 -10.21 14.79 26.31
CA GLN B 433 -9.76 15.19 27.65
C GLN B 433 -8.64 14.26 28.14
N LYS B 434 -8.68 12.98 27.80
CA LYS B 434 -7.57 12.08 28.12
C LYS B 434 -6.28 12.50 27.37
N TRP B 435 -6.43 12.94 26.11
CA TRP B 435 -5.34 13.39 25.25
C TRP B 435 -4.66 14.65 25.84
N ILE B 436 -5.41 15.66 26.28
CA ILE B 436 -4.85 16.87 26.93
C ILE B 436 -4.12 16.45 28.22
N ALA B 437 -4.77 15.60 29.03
CA ALA B 437 -4.20 15.15 30.31
C ALA B 437 -2.94 14.27 30.14
N ASN B 438 -2.83 13.49 29.05
CA ASN B 438 -1.72 12.56 28.87
C ASN B 438 -0.49 13.16 28.25
N PHE B 439 -0.51 14.45 27.90
CA PHE B 439 0.70 15.10 27.44
C PHE B 439 1.81 14.92 28.51
N PRO B 440 3.10 14.60 28.18
CA PRO B 440 3.71 14.42 26.84
C PRO B 440 3.83 12.94 26.38
N ASN B 441 2.94 12.06 26.88
CA ASN B 441 2.96 10.63 26.55
C ASN B 441 2.35 10.36 25.16
N GLY B 442 3.12 10.68 24.12
CA GLY B 442 2.67 10.51 22.74
C GLY B 442 2.46 9.09 22.29
N MSE B 443 3.25 8.14 22.82
CA MSE B 443 3.12 6.74 22.43
C MSE B 443 1.69 6.25 22.72
O MSE B 443 1.01 5.74 21.81
CB MSE B 443 4.18 5.84 23.13
CG MSE B 443 4.21 4.39 22.56
SE MSE B 443 4.53 4.30 20.62
CE MSE B 443 3.04 3.09 20.07
N GLU B 444 1.21 6.48 23.94
CA GLU B 444 -0.13 6.08 24.37
C GLU B 444 -1.21 6.90 23.61
N SER B 445 -0.98 8.21 23.40
CA SER B 445 -1.97 9.06 22.71
C SER B 445 -2.07 8.74 21.21
N TRP B 446 -0.96 8.31 20.57
CA TRP B 446 -0.98 7.86 19.18
C TRP B 446 -1.82 6.56 19.10
N THR B 447 -1.60 5.63 20.03
CA THR B 447 -2.35 4.38 20.07
C THR B 447 -3.86 4.67 20.25
N GLU B 448 -4.21 5.60 21.13
CA GLU B 448 -5.60 5.92 21.43
C GLU B 448 -6.27 6.68 20.28
N TYR B 449 -5.49 7.48 19.53
CA TYR B 449 -5.98 8.20 18.35
C TYR B 449 -6.38 7.18 17.25
N ARG B 450 -5.51 6.20 17.03
CA ARG B 450 -5.75 5.16 16.05
C ARG B 450 -6.95 4.32 16.45
N ARG B 451 -7.03 3.90 17.73
CA ARG B 451 -8.11 3.03 18.20
C ARG B 451 -9.50 3.72 18.10
N THR B 452 -9.60 4.96 18.56
CA THR B 452 -10.91 5.61 18.69
C THR B 452 -11.21 6.64 17.62
N GLY B 453 -10.18 7.19 16.98
CA GLY B 453 -10.33 8.27 16.01
C GLY B 453 -10.27 9.64 16.65
N TYR B 454 -10.03 9.69 17.99
CA TYR B 454 -10.03 10.98 18.71
C TYR B 454 -8.69 11.26 19.39
N PRO B 455 -8.35 12.55 19.61
CA PRO B 455 -9.09 13.76 19.17
C PRO B 455 -8.95 13.94 17.64
N LYS B 456 -9.80 14.76 17.05
CA LYS B 456 -9.63 15.10 15.62
C LYS B 456 -8.37 15.93 15.49
N LEU B 457 -7.48 15.54 14.57
CA LEU B 457 -6.19 16.24 14.36
C LEU B 457 -6.12 16.79 12.95
N MSE B 458 -5.27 17.78 12.72
CA MSE B 458 -5.05 18.31 11.38
C MSE B 458 -4.21 17.33 10.60
O MSE B 458 -3.35 16.69 11.21
CB MSE B 458 -4.37 19.68 11.43
CG MSE B 458 -5.34 20.81 11.61
SE MSE B 458 -4.50 22.53 11.78
CE MSE B 458 -3.85 22.39 13.61
N PRO B 459 -4.40 17.15 9.27
CA PRO B 459 -3.48 16.26 8.54
C PRO B 459 -2.09 16.90 8.50
N MSE B 460 -1.06 16.08 8.23
CA MSE B 460 0.32 16.57 8.07
C MSE B 460 0.37 17.58 6.93
O MSE B 460 -0.28 17.36 5.91
CB MSE B 460 1.28 15.41 7.80
CG MSE B 460 1.34 14.44 8.96
SE MSE B 460 1.83 15.23 10.71
CE MSE B 460 2.13 13.53 11.67
N ALA B 461 1.10 18.72 7.12
CA ALA B 461 1.19 19.79 6.12
C ALA B 461 1.72 19.26 4.78
N ALA B 462 2.69 18.35 4.84
CA ALA B 462 3.33 17.70 3.70
C ALA B 462 3.33 16.19 3.88
N ASN B 463 2.65 15.50 2.99
CA ASN B 463 2.59 14.04 2.98
C ASN B 463 3.61 13.55 1.95
N ALA B 464 4.81 13.14 2.41
CA ALA B 464 5.87 12.67 1.50
C ALA B 464 5.92 11.12 1.48
N SER B 465 4.76 10.47 1.72
CA SER B 465 4.67 9.01 1.72
C SER B 465 4.68 8.40 0.34
N GLY B 466 4.56 9.25 -0.69
CA GLY B 466 4.50 8.78 -2.07
C GLY B 466 3.18 8.08 -2.34
N GLY B 467 2.13 8.57 -1.68
CA GLY B 467 0.77 8.08 -1.84
C GLY B 467 0.37 6.92 -0.95
N ILE B 468 1.31 6.34 -0.14
CA ILE B 468 1.02 5.20 0.75
C ILE B 468 0.10 5.60 1.93
N VAL B 469 0.39 6.73 2.59
CA VAL B 469 -0.38 7.13 3.77
C VAL B 469 -1.59 7.99 3.38
N ASN B 470 -2.77 7.65 3.92
CA ASN B 470 -4.00 8.43 3.74
C ASN B 470 -3.94 9.63 4.72
N ASP B 471 -4.26 10.84 4.23
CA ASP B 471 -4.17 12.10 4.99
C ASP B 471 -5.04 12.14 6.21
N ALA B 472 -6.27 11.62 6.14
CA ALA B 472 -7.22 11.59 7.25
C ALA B 472 -6.84 10.55 8.33
N GLU B 473 -6.30 9.40 7.91
CA GLU B 473 -5.91 8.28 8.77
C GLU B 473 -4.57 8.49 9.46
N GLY B 474 -3.60 9.02 8.72
CA GLY B 474 -2.25 9.20 9.20
C GLY B 474 -1.54 7.86 9.28
N ALA B 475 -0.41 7.82 9.99
CA ALA B 475 0.33 6.58 10.16
C ALA B 475 -0.41 5.66 11.14
N ARG B 476 -0.66 4.42 10.71
CA ARG B 476 -1.38 3.42 11.48
C ARG B 476 -0.42 2.47 12.15
N ARG B 477 0.82 2.48 11.67
CA ARG B 477 1.91 1.64 12.16
C ARG B 477 3.21 2.06 11.48
N MSE B 478 4.30 1.38 11.83
CA MSE B 478 5.59 1.53 11.19
C MSE B 478 5.86 0.27 10.39
O MSE B 478 5.49 -0.82 10.87
CB MSE B 478 6.69 1.79 12.21
CG MSE B 478 6.61 3.18 12.85
SE MSE B 478 6.98 4.63 11.59
CE MSE B 478 8.89 4.23 11.19
N PRO B 479 6.48 0.38 9.19
CA PRO B 479 6.85 -0.84 8.44
C PRO B 479 8.07 -1.49 9.07
N TYR B 480 8.23 -2.81 8.90
CA TYR B 480 9.38 -3.53 9.44
C TYR B 480 10.67 -3.03 8.82
N PRO B 481 11.77 -2.88 9.60
CA PRO B 481 13.06 -2.42 9.01
C PRO B 481 13.51 -3.37 7.89
N THR B 482 14.05 -2.79 6.78
CA THR B 482 14.51 -3.52 5.58
CA THR B 482 14.48 -3.56 5.60
C THR B 482 15.56 -4.59 5.96
N ASP B 483 16.41 -4.30 6.97
CA ASP B 483 17.50 -5.19 7.44
C ASP B 483 16.95 -6.49 8.03
N GLU B 484 15.73 -6.45 8.56
CA GLU B 484 15.09 -7.64 9.13
C GLU B 484 14.67 -8.60 8.02
N TYR B 485 14.35 -8.08 6.82
CA TYR B 485 14.10 -8.96 5.67
C TYR B 485 15.40 -9.62 5.21
N ARG B 486 16.57 -8.95 5.40
CA ARG B 486 17.85 -9.52 4.96
C ARG B 486 18.36 -10.58 5.96
N GLU B 487 18.29 -10.29 7.27
CA GLU B 487 18.75 -11.19 8.33
C GLU B 487 17.72 -12.26 8.81
N ASN B 488 16.41 -12.06 8.57
CA ASN B 488 15.37 -12.95 9.12
C ASN B 488 14.16 -13.05 8.15
N ARG B 489 14.45 -13.26 6.85
CA ARG B 489 13.48 -13.24 5.76
C ARG B 489 12.21 -14.07 6.00
N GLU B 490 12.38 -15.35 6.39
CA GLU B 490 11.28 -16.31 6.57
C GLU B 490 10.30 -15.83 7.62
N SER B 491 10.82 -15.46 8.80
CA SER B 491 10.04 -14.98 9.93
C SER B 491 9.36 -13.64 9.63
N VAL B 492 10.02 -12.73 8.90
CA VAL B 492 9.49 -11.39 8.59
C VAL B 492 8.38 -11.48 7.52
N GLU B 493 8.56 -12.33 6.51
CA GLU B 493 7.54 -12.54 5.47
C GLU B 493 6.33 -13.26 6.04
N ALA B 494 6.51 -14.13 7.06
CA ALA B 494 5.41 -14.82 7.72
C ALA B 494 4.67 -13.80 8.59
N ALA B 495 5.42 -12.84 9.20
CA ALA B 495 4.88 -11.76 10.03
C ALA B 495 4.00 -10.83 9.22
N VAL B 496 4.41 -10.49 7.98
CA VAL B 496 3.63 -9.64 7.05
C VAL B 496 2.33 -10.39 6.67
N ALA B 497 2.43 -11.73 6.53
CA ALA B 497 1.27 -12.57 6.23
C ALA B 497 0.33 -12.60 7.43
N THR B 498 0.87 -12.65 8.67
CA THR B 498 0.10 -12.63 9.92
C THR B 498 -0.58 -11.25 10.08
N LEU B 499 0.18 -10.17 9.82
CA LEU B 499 -0.27 -8.77 9.89
C LEU B 499 -1.50 -8.57 8.99
N THR B 500 -1.44 -9.08 7.75
CA THR B 500 -2.50 -8.99 6.75
C THR B 500 -3.71 -9.77 7.21
N GLN B 501 -3.53 -11.03 7.66
CA GLN B 501 -4.62 -11.89 8.11
C GLN B 501 -5.37 -11.28 9.33
N GLU B 502 -4.66 -10.65 10.30
CA GLU B 502 -5.28 -10.04 11.47
C GLU B 502 -5.91 -8.68 11.17
N SER B 503 -5.50 -8.03 10.07
CA SER B 503 -5.97 -6.67 9.78
C SER B 503 -7.36 -6.63 9.13
N LYS B 504 -8.03 -5.50 9.31
CA LYS B 504 -9.29 -5.24 8.65
C LYS B 504 -9.09 -4.10 7.61
N THR B 505 -7.88 -3.52 7.54
CA THR B 505 -7.45 -2.54 6.55
C THR B 505 -6.06 -3.00 6.06
N LYS B 506 -6.08 -3.99 5.16
CA LYS B 506 -4.91 -4.66 4.58
C LYS B 506 -4.24 -3.77 3.53
N ARG B 507 -3.05 -3.21 3.84
CA ARG B 507 -2.32 -2.31 2.96
C ARG B 507 -0.81 -2.67 2.82
N GLY B 508 -0.47 -3.94 3.09
CA GLY B 508 0.88 -4.47 2.99
C GLY B 508 1.74 -4.06 4.17
N ASP B 509 3.07 -4.31 4.10
CA ASP B 509 3.98 -3.92 5.16
C ASP B 509 4.27 -2.44 5.00
N THR B 510 3.26 -1.60 5.32
CA THR B 510 3.37 -0.16 5.17
C THR B 510 2.81 0.52 6.42
N MSE B 511 2.87 1.84 6.43
CA MSE B 511 2.31 2.69 7.47
C MSE B 511 0.80 2.72 7.44
O MSE B 511 0.19 3.16 8.41
CB MSE B 511 2.85 4.12 7.31
CG MSE B 511 4.30 4.27 7.72
SE MSE B 511 4.77 6.14 7.66
CE MSE B 511 6.67 6.04 8.23
N ALA B 512 0.19 2.30 6.32
CA ALA B 512 -1.25 2.37 6.11
C ALA B 512 -2.02 1.21 6.73
N THR B 513 -1.36 0.04 6.98
CA THR B 513 -2.03 -1.17 7.48
C THR B 513 -2.41 -1.02 8.93
N HIS B 514 -3.64 -1.44 9.26
CA HIS B 514 -4.15 -1.44 10.63
C HIS B 514 -3.67 -2.68 11.34
N VAL B 515 -3.21 -2.50 12.57
CA VAL B 515 -2.80 -3.60 13.47
C VAL B 515 -4.11 -4.25 13.96
N TRP B 516 -4.00 -5.45 14.54
CA TRP B 516 -5.13 -6.27 15.01
C TRP B 516 -6.17 -5.48 15.88
N TRP B 517 -5.75 -4.67 16.92
CA TRP B 517 -6.73 -3.98 17.77
C TRP B 517 -7.37 -2.77 17.07
N ASP B 518 -6.73 -2.28 15.97
CA ASP B 518 -7.20 -1.11 15.24
C ASP B 518 -8.30 -1.52 14.26
N CYS B 519 -9.46 -1.90 14.79
CA CYS B 519 -10.55 -2.38 13.96
C CYS B 519 -11.90 -1.77 14.36
N LYS B 520 -11.91 -0.50 14.81
CA LYS B 520 -13.16 0.21 15.13
C LYS B 520 -14.08 0.22 13.87
C ACT C . -23.80 4.44 -24.38
O ACT C . -23.50 5.65 -24.52
OXT ACT C . -24.33 3.72 -25.30
CH3 ACT C . -23.52 3.79 -23.00
CA CA D . -31.15 -9.39 -18.60
CA CA E . -1.49 -24.38 -38.80
C1 GOL F . 6.49 -11.69 -9.79
O1 GOL F . 7.27 -12.88 -9.93
C2 GOL F . 6.05 -11.08 -11.10
O2 GOL F . 4.65 -10.80 -11.06
C3 GOL F . 6.80 -9.80 -11.40
O3 GOL F . 6.55 -9.39 -12.75
C1 GOL G . 14.98 9.23 -25.39
O1 GOL G . 15.49 8.01 -24.88
C2 GOL G . 13.50 9.11 -25.66
O2 GOL G . 12.79 9.05 -24.42
C3 GOL G . 12.98 10.25 -26.51
O3 GOL G . 11.57 10.13 -26.69
C1 GOL H . -0.58 -7.60 0.97
O1 GOL H . -0.67 -6.27 0.50
C2 GOL H . 0.78 -7.91 1.54
O2 GOL H . 0.77 -9.19 2.17
C3 GOL H . 1.82 -7.86 0.44
O3 GOL H . 3.14 -7.90 0.97
CA CA I . -9.23 14.74 42.57
CL CL J . -9.65 -3.02 2.78
C1 GOL K . -4.41 13.29 9.73
O1 GOL K . -5.62 13.88 10.22
C2 GOL K . -3.49 12.75 10.80
O2 GOL K . -4.24 12.03 11.78
C3 GOL K . -2.64 13.81 11.48
O3 GOL K . -1.61 13.22 12.24
C1 GOL L . 20.61 18.16 13.38
O1 GOL L . 21.06 16.81 13.45
C2 GOL L . 20.69 18.72 11.98
O2 GOL L . 20.61 20.15 12.05
C3 GOL L . 19.56 18.17 11.15
O3 GOL L . 19.31 18.95 9.98
C1 GOL M . 22.12 18.73 17.67
O1 GOL M . 22.00 17.57 18.49
C2 GOL M . 20.75 19.24 17.26
O2 GOL M . 19.99 18.19 16.62
C3 GOL M . 20.86 20.43 16.33
O3 GOL M . 19.61 21.08 16.19
#